data_9JIN
#
_entry.id   9JIN
#
_cell.length_a   1.00
_cell.length_b   1.00
_cell.length_c   1.00
_cell.angle_alpha   90.00
_cell.angle_beta   90.00
_cell.angle_gamma   90.00
#
_symmetry.space_group_name_H-M   'P 1'
#
loop_
_entity.id
_entity.type
_entity.pdbx_description
1 polymer 'Pro-secreted protein ORF2'
2 polymer 'H4 Fab heavy chain'
3 polymer 'H4 Fab light chain'
#
loop_
_entity_poly.entity_id
_entity_poly.type
_entity_poly.pdbx_seq_one_letter_code
_entity_poly.pdbx_strand_id
1 'polypeptide(L)'
;PARPITNWRSGDVVWVTLPSAEYAQSQSAMGSHPAYWSEEATIINVATGQRAAVSSIKWDQVTLNGKALHKETHSGLVYY
QLPLMGKINFWQQGTTKAGYTYNYNTTDSDSLWVWWDGGSKAYLYISTYTTMLGAGPVNITGLGAVGPNPV
;
A,B
2 'polypeptide(L)'
;QVQLVQSGAEVKKPGASVKVACKASGYNFIHYYLHWVRQAPGQGLEWMGIINPSVGRTTYAQKFQGRVTMTRDTSTSTVY
MELSSLRSEDTAVYYCARDVGGMTYCGDECFPPRGWFDPWGQGTLVTV
;
C,H
3 'polypeptide(L)'
;MPQVPVSLSASVGDRVTITCQASQDIGNYLTWSQQKPGKAPKLLIYDASNLQTGVPSRFSGSGSGTYFTLTISSLQPEDI
ATYYCQQYDNVPITFGGGTEVEI
;
D,L
#
# COMPACT_ATOMS: atom_id res chain seq x y z
N PRO A 1 8.93 5.98 -3.92
CA PRO A 1 8.31 7.17 -4.51
C PRO A 1 8.18 7.07 -6.02
N ALA A 2 6.98 6.76 -6.50
CA ALA A 2 6.76 6.59 -7.93
C ALA A 2 5.93 7.73 -8.49
N ARG A 3 4.75 7.94 -7.91
CA ARG A 3 3.93 9.06 -8.32
C ARG A 3 3.76 10.03 -7.15
N PRO A 4 3.95 11.33 -7.37
CA PRO A 4 3.81 12.29 -6.27
C PRO A 4 2.38 12.32 -5.73
N ILE A 5 2.26 12.74 -4.47
CA ILE A 5 0.95 12.93 -3.88
C ILE A 5 0.16 13.98 -4.64
N THR A 6 0.85 14.91 -5.29
CA THR A 6 0.19 15.91 -6.13
C THR A 6 -0.43 15.28 -7.36
N ASN A 7 0.21 14.27 -7.94
CA ASN A 7 -0.36 13.55 -9.08
C ASN A 7 -1.44 12.61 -8.58
N TRP A 8 -2.62 12.65 -9.21
CA TRP A 8 -3.72 11.78 -8.87
C TRP A 8 -4.20 11.04 -10.10
N ARG A 9 -4.66 9.80 -9.89
CA ARG A 9 -5.22 9.01 -10.97
C ARG A 9 -6.47 8.30 -10.46
N SER A 10 -7.34 7.95 -11.41
CA SER A 10 -8.58 7.26 -11.08
C SER A 10 -8.28 5.92 -10.42
N GLY A 11 -8.96 5.66 -9.30
CA GLY A 11 -8.73 4.46 -8.52
C GLY A 11 -7.87 4.65 -7.30
N ASP A 12 -7.28 5.83 -7.11
CA ASP A 12 -6.51 6.11 -5.91
C ASP A 12 -7.43 6.17 -4.71
N VAL A 13 -6.91 5.69 -3.57
CA VAL A 13 -7.64 5.68 -2.30
C VAL A 13 -7.00 6.73 -1.40
N VAL A 14 -7.82 7.60 -0.82
CA VAL A 14 -7.35 8.75 -0.05
C VAL A 14 -7.93 8.67 1.36
N TRP A 15 -7.06 8.88 2.35
CA TRP A 15 -7.42 8.87 3.76
C TRP A 15 -7.24 10.28 4.30
N VAL A 16 -8.34 11.00 4.51
CA VAL A 16 -8.29 12.39 4.94
C VAL A 16 -8.59 12.47 6.42
N THR A 17 -8.01 13.46 7.08
CA THR A 17 -8.28 13.76 8.48
C THR A 17 -8.58 15.26 8.59
N LEU A 18 -9.64 15.60 9.30
CA LEU A 18 -10.05 17.03 9.44
C LEU A 18 -10.02 17.33 10.94
N PRO A 19 -8.85 17.65 11.53
CA PRO A 19 -8.82 17.88 12.96
C PRO A 19 -9.58 19.14 13.34
N SER A 20 -10.07 19.32 14.61
CA SER A 20 -10.88 20.45 15.15
C SER A 20 -11.73 21.03 14.03
N ALA A 21 -12.62 20.19 13.49
CA ALA A 21 -13.43 20.61 12.33
C ALA A 21 -14.57 21.50 12.78
N GLU A 22 -14.91 22.42 11.94
CA GLU A 22 -16.06 23.27 12.18
C GLU A 22 -17.17 22.93 11.20
N TYR A 23 -18.34 23.50 11.43
CA TYR A 23 -19.50 23.25 10.58
C TYR A 23 -19.87 24.54 9.85
N ALA A 24 -19.95 24.45 8.52
CA ALA A 24 -20.38 25.55 7.67
C ALA A 24 -21.80 25.27 7.19
N GLN A 25 -22.70 26.22 7.44
CA GLN A 25 -24.10 26.00 7.11
C GLN A 25 -24.31 25.88 5.61
N SER A 26 -23.63 26.69 4.82
CA SER A 26 -23.76 26.67 3.37
C SER A 26 -22.37 26.74 2.76
N GLN A 27 -22.11 25.85 1.80
CA GLN A 27 -20.84 25.85 1.08
C GLN A 27 -21.12 26.13 -0.39
N SER A 28 -20.54 27.12 -0.96
CA SER A 28 -20.77 27.51 -2.32
C SER A 28 -20.18 26.50 -3.25
N ALA A 29 -19.04 25.97 -2.99
CA ALA A 29 -18.43 25.06 -3.95
C ALA A 29 -19.29 23.86 -4.26
N MET A 30 -20.20 23.48 -3.35
CA MET A 30 -21.09 22.35 -3.56
C MET A 30 -22.53 22.79 -3.81
N GLY A 31 -22.74 24.01 -4.26
CA GLY A 31 -24.08 24.51 -4.52
C GLY A 31 -24.90 24.77 -3.29
N SER A 32 -24.31 25.43 -2.29
CA SER A 32 -25.00 25.90 -1.10
C SER A 32 -25.62 24.75 -0.31
N HIS A 33 -24.75 23.86 0.17
CA HIS A 33 -25.15 22.81 1.09
C HIS A 33 -24.12 22.68 2.20
N PRO A 34 -24.53 22.20 3.37
CA PRO A 34 -23.61 22.22 4.53
C PRO A 34 -22.38 21.36 4.31
N ALA A 35 -21.30 21.76 4.97
CA ALA A 35 -20.03 21.06 4.87
C ALA A 35 -19.29 21.15 6.18
N TYR A 36 -18.32 20.25 6.35
CA TYR A 36 -17.39 20.28 7.46
C TYR A 36 -16.02 20.68 6.93
N TRP A 37 -15.28 21.46 7.71
CA TRP A 37 -13.99 21.96 7.25
C TRP A 37 -13.00 22.03 8.40
N SER A 38 -11.74 21.76 8.09
CA SER A 38 -10.64 21.92 9.04
C SER A 38 -9.48 22.62 8.33
N GLU A 39 -8.79 23.48 9.06
CA GLU A 39 -7.67 24.25 8.49
C GLU A 39 -6.34 23.54 8.64
N GLU A 40 -6.31 22.35 9.23
CA GLU A 40 -5.09 21.58 9.43
C GLU A 40 -5.26 20.16 8.92
N ALA A 41 -5.98 20.00 7.80
CA ALA A 41 -6.28 18.68 7.29
C ALA A 41 -5.05 18.03 6.66
N THR A 42 -5.09 16.71 6.56
CA THR A 42 -4.02 15.92 5.99
C THR A 42 -4.59 14.92 4.99
N ILE A 43 -3.93 14.79 3.84
CA ILE A 43 -4.33 13.87 2.78
C ILE A 43 -3.31 12.74 2.75
N ILE A 44 -3.80 11.50 2.85
CA ILE A 44 -2.96 10.32 2.90
C ILE A 44 -3.35 9.41 1.74
N ASN A 45 -2.35 8.97 0.99
CA ASN A 45 -2.56 7.96 -0.05
C ASN A 45 -2.34 6.59 0.58
N VAL A 46 -3.43 5.84 0.76
CA VAL A 46 -3.36 4.62 1.54
C VAL A 46 -2.47 3.58 0.88
N ALA A 47 -2.61 3.41 -0.44
CA ALA A 47 -1.89 2.35 -1.12
C ALA A 47 -0.39 2.63 -1.20
N THR A 48 -0.01 3.87 -1.47
CA THR A 48 1.41 4.23 -1.58
C THR A 48 1.99 4.75 -0.28
N GLY A 49 1.16 5.18 0.67
CA GLY A 49 1.62 5.62 1.95
C GLY A 49 2.04 7.07 2.04
N GLN A 50 2.08 7.79 0.93
CA GLN A 50 2.49 9.18 0.96
C GLN A 50 1.44 10.04 1.64
N ARG A 51 1.89 11.13 2.26
CA ARG A 51 0.97 12.03 2.93
C ARG A 51 1.44 13.46 2.73
N ALA A 52 0.51 14.39 2.92
CA ALA A 52 0.83 15.80 2.84
C ALA A 52 -0.21 16.59 3.61
N ALA A 53 0.23 17.64 4.30
CA ALA A 53 -0.70 18.57 4.92
C ALA A 53 -1.38 19.40 3.84
N VAL A 54 -2.69 19.52 3.93
CA VAL A 54 -3.46 20.17 2.86
C VAL A 54 -2.99 21.61 2.67
N SER A 55 -2.63 22.28 3.76
CA SER A 55 -2.13 23.65 3.68
C SER A 55 -0.76 23.75 3.03
N SER A 56 -0.07 22.64 2.82
N SER A 56 -0.06 22.63 2.83
CA SER A 56 1.28 22.63 2.26
CA SER A 56 1.27 22.65 2.25
C SER A 56 1.30 22.32 0.77
C SER A 56 1.30 22.31 0.77
N ILE A 57 0.15 22.20 0.12
CA ILE A 57 0.08 21.86 -1.30
C ILE A 57 -0.23 23.13 -2.10
N LYS A 58 0.55 23.36 -3.14
CA LYS A 58 0.22 24.36 -4.15
C LYS A 58 -0.83 23.74 -5.06
N TRP A 59 -2.10 24.11 -4.84
CA TRP A 59 -3.21 23.40 -5.45
C TRP A 59 -3.39 23.71 -6.93
N ASP A 60 -2.83 24.81 -7.42
CA ASP A 60 -2.84 25.06 -8.85
C ASP A 60 -1.92 24.12 -9.60
N GLN A 61 -1.03 23.41 -8.89
CA GLN A 61 -0.10 22.46 -9.50
C GLN A 61 -0.59 21.03 -9.43
N VAL A 62 -1.76 20.78 -8.89
CA VAL A 62 -2.29 19.44 -8.71
C VAL A 62 -2.98 19.00 -9.98
N THR A 63 -2.73 17.76 -10.38
CA THR A 63 -3.29 17.19 -11.60
C THR A 63 -4.03 15.89 -11.27
N LEU A 64 -5.05 15.60 -12.08
CA LEU A 64 -5.81 14.37 -11.97
C LEU A 64 -5.95 13.76 -13.36
N ASN A 65 -5.44 12.55 -13.53
CA ASN A 65 -5.44 11.87 -14.83
C ASN A 65 -4.72 12.72 -15.88
N GLY A 66 -3.63 13.36 -15.48
CA GLY A 66 -2.80 14.13 -16.39
C GLY A 66 -3.27 15.54 -16.65
N LYS A 67 -4.40 15.96 -16.09
CA LYS A 67 -4.94 17.29 -16.34
C LYS A 67 -5.16 18.01 -15.03
N ALA A 68 -5.15 19.34 -15.09
CA ALA A 68 -5.35 20.15 -13.90
C ALA A 68 -6.75 19.97 -13.34
N LEU A 69 -6.89 20.23 -12.05
CA LEU A 69 -8.16 20.04 -11.38
C LEU A 69 -9.20 21.05 -11.87
N HIS A 70 -10.45 20.73 -11.61
CA HIS A 70 -11.54 21.66 -11.89
C HIS A 70 -11.68 22.64 -10.73
N LYS A 71 -11.54 23.93 -11.02
CA LYS A 71 -11.58 24.96 -10.00
C LYS A 71 -12.71 25.94 -10.28
N GLU A 72 -13.31 26.43 -9.21
CA GLU A 72 -14.41 27.40 -9.28
C GLU A 72 -14.14 28.56 -8.33
N THR A 73 -14.54 29.75 -8.74
CA THR A 73 -14.38 30.96 -7.95
C THR A 73 -15.75 31.41 -7.47
N HIS A 74 -15.92 31.50 -6.15
CA HIS A 74 -17.18 31.92 -5.54
C HIS A 74 -16.90 33.08 -4.60
N SER A 75 -17.34 34.27 -4.99
CA SER A 75 -17.16 35.48 -4.18
C SER A 75 -15.69 35.73 -3.85
N GLY A 76 -14.82 35.51 -4.84
CA GLY A 76 -13.40 35.79 -4.66
C GLY A 76 -12.61 34.69 -3.99
N LEU A 77 -13.23 33.57 -3.67
CA LEU A 77 -12.54 32.43 -3.06
C LEU A 77 -12.41 31.32 -4.08
N VAL A 78 -11.21 30.78 -4.21
CA VAL A 78 -10.92 29.73 -5.19
C VAL A 78 -11.08 28.37 -4.53
N TYR A 79 -11.83 27.49 -5.16
CA TYR A 79 -12.09 26.15 -4.65
C TYR A 79 -11.65 25.12 -5.68
N TYR A 80 -10.85 24.16 -5.25
CA TYR A 80 -10.35 23.08 -6.10
C TYR A 80 -11.10 21.80 -5.77
N GLN A 81 -11.42 21.03 -6.81
CA GLN A 81 -12.26 19.84 -6.66
C GLN A 81 -11.45 18.58 -6.95
N LEU A 82 -11.62 17.58 -6.09
CA LEU A 82 -11.04 16.25 -6.30
C LEU A 82 -12.20 15.26 -6.38
N PRO A 83 -12.69 14.96 -7.59
CA PRO A 83 -13.84 14.05 -7.70
C PRO A 83 -13.52 12.65 -7.22
N LEU A 84 -14.55 11.97 -6.74
CA LEU A 84 -14.44 10.61 -6.24
C LEU A 84 -15.50 9.75 -6.89
N MET A 85 -15.17 8.48 -7.11
CA MET A 85 -16.13 7.50 -7.61
C MET A 85 -16.92 6.97 -6.42
N GLY A 86 -18.15 7.43 -6.26
CA GLY A 86 -18.94 7.15 -5.09
C GLY A 86 -18.96 8.32 -4.13
N LYS A 87 -19.56 8.05 -2.97
CA LYS A 87 -19.70 9.05 -1.91
C LYS A 87 -18.50 9.04 -0.99
N ILE A 88 -18.26 10.18 -0.33
CA ILE A 88 -17.19 10.27 0.66
C ILE A 88 -17.70 9.71 1.98
N ASN A 89 -16.95 8.78 2.55
CA ASN A 89 -17.29 8.17 3.82
C ASN A 89 -16.44 8.80 4.91
N PHE A 90 -17.10 9.36 5.92
CA PHE A 90 -16.40 10.02 7.01
C PHE A 90 -17.07 9.67 8.33
N TRP A 91 -16.30 9.79 9.40
CA TRP A 91 -16.79 9.48 10.73
C TRP A 91 -15.98 10.28 11.74
N GLN A 92 -16.55 10.42 12.94
CA GLN A 92 -15.83 11.09 14.02
C GLN A 92 -14.61 10.27 14.42
N GLN A 93 -13.51 10.97 14.69
CA GLN A 93 -12.26 10.30 15.02
C GLN A 93 -12.35 9.60 16.36
N GLY A 94 -11.93 8.34 16.40
CA GLY A 94 -11.89 7.57 17.62
C GLY A 94 -13.21 6.96 18.03
N THR A 95 -14.29 7.23 17.31
CA THR A 95 -15.61 6.72 17.63
C THR A 95 -16.21 6.07 16.40
N THR A 96 -17.34 5.39 16.59
CA THR A 96 -18.11 4.81 15.50
C THR A 96 -19.22 5.74 15.04
N LYS A 97 -19.24 6.98 15.52
CA LYS A 97 -20.24 7.96 15.15
C LYS A 97 -19.98 8.41 13.72
N ALA A 98 -20.66 7.80 12.77
CA ALA A 98 -20.45 8.08 11.36
C ALA A 98 -21.37 9.19 10.89
N GLY A 99 -20.95 9.87 9.82
CA GLY A 99 -21.73 10.91 9.21
C GLY A 99 -22.25 10.51 7.83
N TYR A 100 -23.03 11.42 7.25
CA TYR A 100 -23.60 11.21 5.92
C TYR A 100 -23.54 12.51 5.15
N THR A 101 -23.56 12.39 3.83
CA THR A 101 -23.41 13.54 2.94
C THR A 101 -24.77 14.13 2.60
N TYR A 102 -24.76 15.20 1.82
CA TYR A 102 -26.00 15.87 1.45
C TYR A 102 -26.80 15.04 0.47
N ASN A 103 -26.14 14.35 -0.44
CA ASN A 103 -26.82 13.49 -1.41
C ASN A 103 -26.89 12.04 -0.92
N TYR A 104 -27.43 11.86 0.28
CA TYR A 104 -27.53 10.53 0.87
C TYR A 104 -28.48 9.61 0.12
N ASN A 105 -29.49 10.15 -0.55
CA ASN A 105 -30.47 9.40 -1.34
C ASN A 105 -30.30 9.68 -2.81
N THR A 106 -29.06 9.82 -3.26
CA THR A 106 -28.86 10.18 -4.66
C THR A 106 -27.74 9.35 -5.27
N THR A 107 -27.84 9.09 -6.57
CA THR A 107 -26.82 8.40 -7.33
C THR A 107 -25.54 9.22 -7.48
N ASP A 108 -25.64 10.55 -7.40
CA ASP A 108 -24.49 11.40 -7.62
C ASP A 108 -23.35 11.05 -6.67
N SER A 109 -22.14 10.99 -7.22
CA SER A 109 -20.94 10.73 -6.44
C SER A 109 -20.43 12.01 -5.80
N ASP A 110 -19.68 11.86 -4.73
CA ASP A 110 -19.17 13.00 -3.99
C ASP A 110 -17.80 13.42 -4.50
N SER A 111 -17.35 14.58 -4.05
CA SER A 111 -16.06 15.12 -4.48
C SER A 111 -15.50 15.99 -3.37
N LEU A 112 -14.22 15.81 -3.07
CA LEU A 112 -13.55 16.64 -2.10
C LEU A 112 -13.34 18.04 -2.64
N TRP A 113 -13.36 19.03 -1.75
CA TRP A 113 -13.16 20.42 -2.12
C TRP A 113 -12.13 21.06 -1.21
N VAL A 114 -11.23 21.84 -1.80
CA VAL A 114 -10.15 22.49 -1.06
C VAL A 114 -10.18 23.99 -1.35
N TRP A 115 -10.12 24.80 -0.31
CA TRP A 115 -9.87 26.23 -0.46
C TRP A 115 -8.41 26.51 -0.19
N TRP A 116 -7.82 27.36 -1.01
CA TRP A 116 -6.40 27.70 -0.91
C TRP A 116 -6.22 29.17 -1.24
N ASP A 117 -5.42 29.85 -0.43
CA ASP A 117 -5.25 31.30 -0.57
C ASP A 117 -4.05 31.67 -1.44
N GLY A 118 -3.39 30.70 -2.05
CA GLY A 118 -2.18 30.96 -2.81
C GLY A 118 -0.92 30.92 -1.99
N GLY A 119 -1.02 30.78 -0.67
CA GLY A 119 0.14 30.74 0.19
C GLY A 119 0.29 29.43 0.94
N SER A 120 0.17 29.47 2.27
CA SER A 120 0.35 28.28 3.09
C SER A 120 -0.87 28.01 3.98
N LYS A 121 -2.03 28.56 3.63
CA LYS A 121 -3.26 28.32 4.38
C LYS A 121 -4.27 27.66 3.45
N ALA A 122 -4.85 26.55 3.91
CA ALA A 122 -5.80 25.82 3.08
C ALA A 122 -6.78 25.06 3.97
N TYR A 123 -8.01 24.93 3.49
CA TYR A 123 -9.05 24.17 4.15
C TYR A 123 -9.41 22.95 3.30
N LEU A 124 -10.10 22.01 3.91
CA LEU A 124 -10.64 20.85 3.22
C LEU A 124 -12.11 20.70 3.58
N TYR A 125 -12.96 20.57 2.57
CA TYR A 125 -14.41 20.54 2.76
C TYR A 125 -14.97 19.20 2.30
N ILE A 126 -15.92 18.67 3.07
CA ILE A 126 -16.63 17.44 2.74
C ILE A 126 -18.12 17.69 2.84
N SER A 127 -18.88 17.10 1.91
CA SER A 127 -20.31 17.29 1.89
C SER A 127 -20.97 16.64 3.11
N THR A 128 -21.90 17.37 3.72
CA THR A 128 -22.66 16.86 4.85
C THR A 128 -24.07 17.42 4.78
N TYR A 129 -24.95 16.84 5.58
CA TYR A 129 -26.36 17.25 5.64
C TYR A 129 -26.67 18.14 6.82
N THR A 130 -26.11 17.85 7.99
CA THR A 130 -26.45 18.57 9.22
C THR A 130 -25.33 18.36 10.23
N THR A 131 -25.58 18.77 11.47
CA THR A 131 -24.65 18.59 12.56
C THR A 131 -24.80 17.19 13.16
N MET A 132 -24.71 16.16 12.32
CA MET A 132 -24.88 14.79 12.79
C MET A 132 -23.74 14.36 13.71
N LEU A 133 -22.60 15.05 13.67
CA LEU A 133 -21.48 14.77 14.55
C LEU A 133 -21.18 15.93 15.48
N GLY A 134 -21.99 16.96 15.47
CA GLY A 134 -21.81 18.12 16.33
C GLY A 134 -21.52 19.38 15.55
N ALA A 135 -21.51 20.48 16.28
CA ALA A 135 -21.26 21.80 15.69
C ALA A 135 -19.78 22.13 15.58
N GLY A 136 -18.90 21.35 16.22
CA GLY A 136 -17.49 21.63 16.18
C GLY A 136 -17.02 22.34 17.43
N PRO A 137 -15.71 22.27 17.71
CA PRO A 137 -14.69 21.52 16.97
C PRO A 137 -14.75 20.03 17.26
N VAL A 138 -14.50 19.19 16.26
CA VAL A 138 -14.54 17.74 16.42
C VAL A 138 -13.61 17.12 15.39
N ASN A 139 -12.85 16.11 15.80
CA ASN A 139 -11.95 15.42 14.89
C ASN A 139 -12.72 14.38 14.09
N ILE A 140 -12.55 14.41 12.77
CA ILE A 140 -13.23 13.46 11.89
C ILE A 140 -12.22 12.90 10.89
N THR A 141 -12.55 11.72 10.36
CA THR A 141 -11.70 11.00 9.42
C THR A 141 -12.54 10.55 8.22
N GLY A 142 -12.05 10.83 7.02
CA GLY A 142 -12.77 10.50 5.80
C GLY A 142 -11.98 9.54 4.92
N LEU A 143 -12.72 8.73 4.17
CA LEU A 143 -12.14 7.75 3.26
C LEU A 143 -12.87 7.78 1.94
N GLY A 144 -12.13 7.72 0.84
CA GLY A 144 -12.73 7.76 -0.48
C GLY A 144 -11.77 7.30 -1.54
N ALA A 145 -12.30 7.13 -2.75
CA ALA A 145 -11.54 6.66 -3.89
C ALA A 145 -11.65 7.69 -5.02
N VAL A 146 -10.51 8.06 -5.59
CA VAL A 146 -10.46 9.14 -6.57
C VAL A 146 -11.13 8.69 -7.86
N GLY A 147 -11.94 9.58 -8.45
CA GLY A 147 -12.69 9.26 -9.64
C GLY A 147 -12.30 10.13 -10.83
N PRO A 148 -12.96 9.90 -11.96
CA PRO A 148 -12.58 10.61 -13.18
C PRO A 148 -12.91 12.10 -13.12
N ASN A 149 -12.24 12.84 -14.00
CA ASN A 149 -12.40 14.28 -14.04
C ASN A 149 -13.82 14.66 -14.46
N PRO A 150 -14.31 15.81 -13.99
CA PRO A 150 -15.65 16.25 -14.41
C PRO A 150 -15.69 16.57 -15.89
N VAL A 151 -16.86 16.35 -16.49
CA VAL A 151 -17.06 16.59 -17.91
C VAL A 151 -17.70 17.96 -18.13
N PRO B 1 4.59 -10.17 2.55
CA PRO B 1 3.50 -10.75 3.33
C PRO B 1 3.77 -10.70 4.84
N ALA B 2 3.06 -9.81 5.53
CA ALA B 2 3.27 -9.65 6.96
C ALA B 2 2.05 -10.16 7.74
N ARG B 3 0.89 -9.62 7.44
CA ARG B 3 -0.34 -10.11 8.05
C ARG B 3 -1.21 -10.74 6.98
N PRO B 4 -1.74 -11.94 7.21
CA PRO B 4 -2.58 -12.59 6.20
C PRO B 4 -3.85 -11.79 5.95
N ILE B 5 -4.40 -11.97 4.75
CA ILE B 5 -5.68 -11.35 4.41
C ILE B 5 -6.77 -11.82 5.36
N THR B 6 -6.61 -13.02 5.92
CA THR B 6 -7.55 -13.54 6.90
C THR B 6 -7.49 -12.75 8.21
N ASN B 7 -6.31 -12.29 8.60
CA ASN B 7 -6.15 -11.50 9.80
C ASN B 7 -6.53 -10.05 9.51
N TRP B 8 -7.48 -9.51 10.27
CA TRP B 8 -7.95 -8.15 10.08
C TRP B 8 -7.68 -7.32 11.33
N ARG B 9 -7.46 -6.02 11.11
CA ARG B 9 -7.21 -5.09 12.19
C ARG B 9 -7.95 -3.79 11.91
N SER B 10 -8.22 -3.06 12.99
CA SER B 10 -8.91 -1.78 12.88
C SER B 10 -8.08 -0.80 12.08
N GLY B 11 -8.71 -0.15 11.10
CA GLY B 11 -8.03 0.76 10.21
C GLY B 11 -7.66 0.19 8.86
N ASP B 12 -7.85 -1.11 8.65
CA ASP B 12 -7.60 -1.70 7.36
C ASP B 12 -8.59 -1.18 6.32
N VAL B 13 -8.11 -0.98 5.10
CA VAL B 13 -8.92 -0.51 3.99
C VAL B 13 -9.15 -1.68 3.06
N VAL B 14 -10.41 -1.91 2.70
CA VAL B 14 -10.82 -3.07 1.92
C VAL B 14 -11.52 -2.60 0.65
N TRP B 15 -11.11 -3.17 -0.48
CA TRP B 15 -11.67 -2.87 -1.80
C TRP B 15 -12.39 -4.12 -2.30
N VAL B 16 -13.73 -4.12 -2.21
CA VAL B 16 -14.51 -5.29 -2.59
C VAL B 16 -15.05 -5.11 -4.00
N THR B 17 -15.28 -6.23 -4.66
CA THR B 17 -15.89 -6.26 -5.99
C THR B 17 -16.97 -7.32 -6.01
N LEU B 18 -18.12 -6.97 -6.57
CA LEU B 18 -19.28 -7.87 -6.63
C LEU B 18 -19.76 -7.98 -8.07
N PRO B 19 -19.07 -8.76 -8.89
CA PRO B 19 -19.50 -8.94 -10.29
C PRO B 19 -20.84 -9.65 -10.36
N SER B 20 -21.65 -9.25 -11.34
N SER B 20 -21.65 -9.26 -11.34
CA SER B 20 -22.96 -9.86 -11.60
CA SER B 20 -22.96 -9.86 -11.60
C SER B 20 -23.82 -9.87 -10.34
C SER B 20 -23.82 -9.87 -10.33
N ALA B 21 -23.83 -8.74 -9.62
CA ALA B 21 -24.55 -8.65 -8.36
C ALA B 21 -26.06 -8.73 -8.57
N GLU B 22 -26.72 -9.47 -7.70
CA GLU B 22 -28.17 -9.54 -7.66
C GLU B 22 -28.70 -8.70 -6.51
N TYR B 23 -30.02 -8.53 -6.48
CA TYR B 23 -30.68 -7.75 -5.44
C TYR B 23 -31.56 -8.64 -4.60
N ALA B 24 -31.33 -8.62 -3.29
CA ALA B 24 -32.14 -9.33 -2.31
C ALA B 24 -33.03 -8.34 -1.59
N GLN B 25 -34.34 -8.59 -1.62
CA GLN B 25 -35.29 -7.64 -1.06
C GLN B 25 -35.13 -7.49 0.44
N SER B 26 -34.88 -8.60 1.13
CA SER B 26 -34.71 -8.58 2.58
C SER B 26 -33.53 -9.46 2.94
N GLN B 27 -32.62 -8.93 3.75
CA GLN B 27 -31.47 -9.68 4.22
C GLN B 27 -31.56 -9.84 5.73
N SER B 28 -31.52 -11.09 6.19
N SER B 28 -31.53 -11.09 6.20
CA SER B 28 -31.72 -11.35 7.62
CA SER B 28 -31.71 -11.37 7.61
C SER B 28 -30.51 -10.96 8.45
C SER B 28 -30.51 -10.91 8.43
N ALA B 29 -29.31 -11.00 7.87
CA ALA B 29 -28.11 -10.65 8.62
C ALA B 29 -28.08 -9.17 9.02
N MET B 30 -28.79 -8.31 8.30
CA MET B 30 -28.85 -6.89 8.61
C MET B 30 -30.21 -6.47 9.16
N GLY B 31 -30.97 -7.39 9.71
CA GLY B 31 -32.28 -7.07 10.25
C GLY B 31 -33.33 -6.76 9.20
N SER B 32 -33.39 -7.59 8.17
CA SER B 32 -34.45 -7.53 7.15
C SER B 32 -34.45 -6.20 6.41
N HIS B 33 -33.34 -5.92 5.73
CA HIS B 33 -33.25 -4.77 4.84
C HIS B 33 -32.53 -5.18 3.55
N PRO B 34 -32.82 -4.50 2.44
CA PRO B 34 -32.30 -4.96 1.14
C PRO B 34 -30.79 -4.94 1.07
N ALA B 35 -30.25 -5.84 0.27
CA ALA B 35 -28.81 -5.96 0.09
C ALA B 35 -28.50 -6.38 -1.33
N TYR B 36 -27.26 -6.12 -1.74
CA TYR B 36 -26.71 -6.60 -3.00
C TYR B 36 -25.72 -7.71 -2.70
N TRP B 37 -25.73 -8.76 -3.52
CA TRP B 37 -24.86 -9.90 -3.27
C TRP B 37 -24.31 -10.44 -4.58
N SER B 38 -23.08 -10.96 -4.51
CA SER B 38 -22.44 -11.65 -5.61
C SER B 38 -21.79 -12.92 -5.09
N GLU B 39 -21.85 -13.99 -5.87
CA GLU B 39 -21.27 -15.26 -5.47
C GLU B 39 -19.83 -15.42 -5.92
N GLU B 40 -19.26 -14.41 -6.57
CA GLU B 40 -17.88 -14.44 -7.04
C GLU B 40 -17.14 -13.20 -6.59
N ALA B 41 -17.45 -12.72 -5.38
CA ALA B 41 -16.85 -11.50 -4.89
C ALA B 41 -15.39 -11.69 -4.51
N THR B 42 -14.64 -10.60 -4.52
CA THR B 42 -13.22 -10.61 -4.21
C THR B 42 -12.91 -9.48 -3.24
N ILE B 43 -12.07 -9.76 -2.25
CA ILE B 43 -11.69 -8.80 -1.22
C ILE B 43 -10.24 -8.39 -1.44
N ILE B 44 -9.99 -7.08 -1.51
CA ILE B 44 -8.66 -6.54 -1.76
C ILE B 44 -8.25 -5.75 -0.53
N ASN B 45 -7.03 -5.96 -0.06
CA ASN B 45 -6.43 -5.10 0.95
C ASN B 45 -5.63 -4.03 0.20
N VAL B 46 -6.14 -2.80 0.20
CA VAL B 46 -5.53 -1.75 -0.64
C VAL B 46 -4.12 -1.44 -0.18
N ALA B 47 -3.91 -1.34 1.13
CA ALA B 47 -2.61 -0.90 1.63
C ALA B 47 -1.54 -1.97 1.41
N THR B 48 -1.86 -3.24 1.67
CA THR B 48 -0.88 -4.31 1.51
C THR B 48 -0.93 -4.96 0.14
N GLY B 49 -2.02 -4.80 -0.60
CA GLY B 49 -2.13 -5.35 -1.93
C GLY B 49 -2.60 -6.78 -2.01
N GLN B 50 -2.74 -7.47 -0.89
CA GLN B 50 -3.17 -8.85 -0.90
C GLN B 50 -4.64 -8.95 -1.32
N ARG B 51 -5.00 -10.11 -1.88
CA ARG B 51 -6.37 -10.32 -2.31
C ARG B 51 -6.75 -11.76 -2.11
N ALA B 52 -8.06 -12.00 -2.03
CA ALA B 52 -8.59 -13.35 -1.91
C ALA B 52 -10.03 -13.37 -2.39
N ALA B 53 -10.40 -14.46 -3.05
CA ALA B 53 -11.80 -14.67 -3.41
C ALA B 53 -12.61 -14.96 -2.15
N VAL B 54 -13.80 -14.40 -2.08
CA VAL B 54 -14.66 -14.62 -0.90
C VAL B 54 -15.02 -16.09 -0.79
N SER B 55 -15.29 -16.75 -1.92
CA SER B 55 -15.61 -18.17 -1.91
C SER B 55 -14.42 -19.05 -1.58
N SER B 56 -13.20 -18.51 -1.61
N SER B 56 -13.20 -18.51 -1.61
CA SER B 56 -12.00 -19.27 -1.31
CA SER B 56 -12.00 -19.28 -1.31
C SER B 56 -11.52 -19.11 0.13
C SER B 56 -11.52 -19.12 0.13
N ILE B 57 -12.28 -18.41 0.97
CA ILE B 57 -11.89 -18.15 2.35
C ILE B 57 -12.70 -19.04 3.27
N LYS B 58 -12.01 -19.72 4.18
CA LYS B 58 -12.69 -20.45 5.25
C LYS B 58 -12.98 -19.45 6.35
N TRP B 59 -14.24 -19.03 6.45
CA TRP B 59 -14.60 -17.85 7.22
C TRP B 59 -14.64 -18.10 8.71
N ASP B 60 -14.66 -19.35 9.16
CA ASP B 60 -14.60 -19.61 10.59
C ASP B 60 -13.22 -19.38 11.17
N GLN B 61 -12.19 -19.24 10.32
CA GLN B 61 -10.84 -18.96 10.78
C GLN B 61 -10.45 -17.50 10.66
N VAL B 62 -11.37 -16.64 10.24
CA VAL B 62 -11.08 -15.22 10.06
C VAL B 62 -11.19 -14.52 11.41
N THR B 63 -10.21 -13.68 11.70
CA THR B 63 -10.14 -12.96 12.96
C THR B 63 -10.06 -11.46 12.72
N LEU B 64 -10.56 -10.69 13.68
CA LEU B 64 -10.51 -9.24 13.63
C LEU B 64 -10.00 -8.74 14.97
N ASN B 65 -8.89 -8.02 14.96
CA ASN B 65 -8.24 -7.52 16.18
C ASN B 65 -7.94 -8.66 17.15
N GLY B 66 -7.49 -9.78 16.61
CA GLY B 66 -7.08 -10.91 17.41
C GLY B 66 -8.19 -11.85 17.84
N LYS B 67 -9.43 -11.54 17.50
CA LYS B 67 -10.56 -12.36 17.94
C LYS B 67 -11.40 -12.75 16.73
N ALA B 68 -12.12 -13.86 16.87
CA ALA B 68 -12.95 -14.36 15.78
C ALA B 68 -14.10 -13.42 15.48
N LEU B 69 -14.59 -13.49 14.25
CA LEU B 69 -15.66 -12.60 13.81
C LEU B 69 -16.95 -12.91 14.54
N HIS B 70 -17.86 -11.94 14.52
CA HIS B 70 -19.21 -12.13 15.05
C HIS B 70 -20.07 -12.80 13.98
N LYS B 71 -20.67 -13.93 14.32
CA LYS B 71 -21.48 -14.69 13.40
C LYS B 71 -22.89 -14.87 13.93
N GLU B 72 -23.86 -14.86 13.01
CA GLU B 72 -25.26 -15.03 13.33
C GLU B 72 -25.86 -16.09 12.42
N THR B 73 -26.76 -16.90 12.98
CA THR B 73 -27.43 -17.96 12.24
C THR B 73 -28.88 -17.55 12.03
N HIS B 74 -29.30 -17.47 10.78
CA HIS B 74 -30.66 -17.08 10.41
C HIS B 74 -31.25 -18.16 9.51
N SER B 75 -32.21 -18.91 10.04
CA SER B 75 -32.91 -19.96 9.29
C SER B 75 -31.94 -20.97 8.69
N GLY B 76 -30.92 -21.35 9.47
CA GLY B 76 -29.97 -22.36 9.04
C GLY B 76 -28.85 -21.87 8.17
N LEU B 77 -28.75 -20.57 7.93
CA LEU B 77 -27.66 -19.99 7.15
C LEU B 77 -26.75 -19.20 8.09
N VAL B 78 -25.44 -19.42 7.97
CA VAL B 78 -24.48 -18.78 8.83
C VAL B 78 -23.95 -17.53 8.13
N TYR B 79 -23.99 -16.40 8.83
CA TYR B 79 -23.53 -15.12 8.30
C TYR B 79 -22.41 -14.57 9.17
N TYR B 80 -21.30 -14.21 8.54
CA TYR B 80 -20.14 -13.67 9.21
C TYR B 80 -20.09 -12.15 9.01
N GLN B 81 -19.71 -11.43 10.04
CA GLN B 81 -19.76 -9.97 10.04
C GLN B 81 -18.36 -9.37 10.08
N LEU B 82 -18.12 -8.39 9.22
CA LEU B 82 -16.87 -7.62 9.21
C LEU B 82 -17.23 -6.16 9.43
N PRO B 83 -17.22 -5.69 10.68
CA PRO B 83 -17.65 -4.31 10.94
C PRO B 83 -16.68 -3.31 10.33
N LEU B 84 -17.23 -2.13 10.03
CA LEU B 84 -16.48 -1.04 9.43
C LEU B 84 -16.71 0.23 10.23
N MET B 85 -15.70 1.10 10.26
CA MET B 85 -15.82 2.41 10.88
C MET B 85 -16.36 3.38 9.83
N GLY B 86 -17.66 3.65 9.90
CA GLY B 86 -18.32 4.42 8.86
C GLY B 86 -19.20 3.53 7.99
N LYS B 87 -19.71 4.14 6.92
CA LYS B 87 -20.59 3.46 5.98
C LYS B 87 -19.79 2.82 4.86
N ILE B 88 -20.37 1.78 4.26
CA ILE B 88 -19.74 1.13 3.11
C ILE B 88 -20.07 1.94 1.86
N ASN B 89 -19.03 2.33 1.12
CA ASN B 89 -19.19 3.10 -0.10
C ASN B 89 -19.07 2.18 -1.29
N PHE B 90 -20.11 2.14 -2.13
CA PHE B 90 -20.11 1.27 -3.29
C PHE B 90 -20.70 2.01 -4.47
N TRP B 91 -20.33 1.56 -5.66
CA TRP B 91 -20.78 2.16 -6.90
C TRP B 91 -20.78 1.10 -8.00
N GLN B 92 -21.55 1.36 -9.04
CA GLN B 92 -21.54 0.48 -10.20
C GLN B 92 -20.17 0.51 -10.86
N GLN B 93 -19.71 -0.66 -11.31
CA GLN B 93 -18.38 -0.78 -11.88
C GLN B 93 -18.31 -0.05 -13.22
N GLY B 94 -17.27 0.77 -13.38
CA GLY B 94 -17.02 1.47 -14.61
C GLY B 94 -17.84 2.73 -14.81
N THR B 95 -18.74 3.05 -13.89
CA THR B 95 -19.60 4.22 -13.98
C THR B 95 -19.51 5.02 -12.69
N THR B 96 -20.00 6.25 -12.75
CA THR B 96 -20.11 7.09 -11.57
C THR B 96 -21.47 6.94 -10.88
N LYS B 97 -22.26 5.94 -11.28
CA LYS B 97 -23.55 5.67 -10.70
C LYS B 97 -23.32 5.05 -9.33
N ALA B 98 -23.42 5.86 -8.28
CA ALA B 98 -23.15 5.41 -6.93
C ALA B 98 -24.42 4.95 -6.24
N GLY B 99 -24.25 4.11 -5.23
CA GLY B 99 -25.36 3.65 -4.42
C GLY B 99 -25.29 4.19 -2.99
N TYR B 100 -26.32 3.84 -2.22
CA TYR B 100 -26.40 4.26 -0.83
C TYR B 100 -26.98 3.13 0.00
N THR B 101 -26.70 3.18 1.30
CA THR B 101 -27.04 2.09 2.20
C THR B 101 -28.41 2.34 2.84
N TYR B 102 -28.85 1.37 3.65
CA TYR B 102 -30.15 1.49 4.29
C TYR B 102 -30.15 2.58 5.35
N ASN B 103 -29.05 2.74 6.09
CA ASN B 103 -28.94 3.79 7.09
C ASN B 103 -28.28 5.05 6.53
N TYR B 104 -28.87 5.57 5.46
CA TYR B 104 -28.33 6.76 4.80
C TYR B 104 -28.44 8.01 5.65
N ASN B 105 -29.43 8.08 6.54
CA ASN B 105 -29.64 9.21 7.45
C ASN B 105 -29.40 8.79 8.88
N THR B 106 -28.39 7.98 9.12
CA THR B 106 -28.18 7.48 10.47
C THR B 106 -26.70 7.48 10.83
N THR B 107 -26.41 7.64 12.12
CA THR B 107 -25.06 7.57 12.64
C THR B 107 -24.46 6.17 12.56
N ASP B 108 -25.30 5.13 12.56
CA ASP B 108 -24.79 3.76 12.60
C ASP B 108 -23.84 3.48 11.45
N SER B 109 -22.71 2.87 11.79
CA SER B 109 -21.71 2.48 10.80
C SER B 109 -22.11 1.17 10.13
N ASP B 110 -21.71 1.01 8.88
CA ASP B 110 -22.08 -0.16 8.12
C ASP B 110 -21.12 -1.31 8.38
N SER B 111 -21.46 -2.47 7.85
CA SER B 111 -20.69 -3.68 8.10
C SER B 111 -20.89 -4.67 6.96
N LEU B 112 -19.79 -5.24 6.48
CA LEU B 112 -19.86 -6.27 5.45
C LEU B 112 -20.36 -7.58 6.05
N TRP B 113 -21.09 -8.35 5.25
CA TRP B 113 -21.63 -9.62 5.66
C TRP B 113 -21.32 -10.68 4.61
N VAL B 114 -20.95 -11.88 5.08
CA VAL B 114 -20.56 -12.97 4.20
C VAL B 114 -21.36 -14.21 4.59
N TRP B 115 -21.96 -14.88 3.61
CA TRP B 115 -22.50 -16.21 3.79
C TRP B 115 -21.52 -17.24 3.26
N TRP B 116 -21.37 -18.33 4.00
CA TRP B 116 -20.42 -19.38 3.66
C TRP B 116 -21.03 -20.73 4.01
N ASP B 117 -20.92 -21.69 3.09
CA ASP B 117 -21.53 -23.00 3.25
C ASP B 117 -20.60 -24.02 3.88
N GLY B 118 -19.40 -23.62 4.30
CA GLY B 118 -18.42 -24.55 4.81
C GLY B 118 -17.51 -25.15 3.75
N GLY B 119 -17.78 -24.90 2.47
CA GLY B 119 -16.99 -25.45 1.40
C GLY B 119 -16.32 -24.40 0.54
N SER B 120 -16.72 -24.32 -0.72
CA SER B 120 -16.11 -23.41 -1.68
C SER B 120 -17.11 -22.44 -2.30
N LYS B 121 -18.27 -22.25 -1.66
CA LYS B 121 -19.28 -21.30 -2.13
C LYS B 121 -19.51 -20.26 -1.05
N ALA B 122 -19.44 -18.99 -1.43
CA ALA B 122 -19.64 -17.90 -0.49
C ALA B 122 -20.16 -16.67 -1.21
N TYR B 123 -21.00 -15.91 -0.52
CA TYR B 123 -21.56 -14.66 -1.01
C TYR B 123 -21.00 -13.51 -0.18
N LEU B 124 -21.14 -12.31 -0.70
CA LEU B 124 -20.79 -11.09 0.01
C LEU B 124 -21.96 -10.12 -0.10
N TYR B 125 -22.39 -9.58 1.04
CA TYR B 125 -23.59 -8.74 1.10
C TYR B 125 -23.21 -7.33 1.56
N ILE B 126 -23.85 -6.33 0.95
CA ILE B 126 -23.67 -4.93 1.29
C ILE B 126 -25.03 -4.30 1.50
N SER B 127 -25.12 -3.42 2.50
CA SER B 127 -26.40 -2.78 2.82
C SER B 127 -26.80 -1.81 1.71
N THR B 128 -28.06 -1.90 1.30
CA THR B 128 -28.62 -1.01 0.30
C THR B 128 -30.06 -0.68 0.67
N TYR B 129 -30.57 0.37 0.04
CA TYR B 129 -31.95 0.81 0.27
C TYR B 129 -32.92 0.32 -0.79
N THR B 130 -32.52 0.35 -2.06
CA THR B 130 -33.42 -0.01 -3.15
C THR B 130 -32.57 -0.43 -4.35
N THR B 131 -33.22 -0.55 -5.50
CA THR B 131 -32.55 -0.87 -6.75
C THR B 131 -31.99 0.39 -7.40
N MET B 132 -31.22 1.16 -6.65
CA MET B 132 -30.67 2.42 -7.17
C MET B 132 -29.68 2.19 -8.30
N LEU B 133 -29.10 0.99 -8.39
CA LEU B 133 -28.20 0.63 -9.47
C LEU B 133 -28.78 -0.45 -10.38
N GLY B 134 -30.02 -0.85 -10.15
CA GLY B 134 -30.69 -1.84 -10.95
C GLY B 134 -31.02 -3.09 -10.16
N ALA B 135 -31.78 -3.97 -10.80
CA ALA B 135 -32.20 -5.22 -10.19
C ALA B 135 -31.18 -6.33 -10.32
N GLY B 136 -30.16 -6.16 -11.15
CA GLY B 136 -29.17 -7.17 -11.37
C GLY B 136 -29.42 -7.95 -12.65
N PRO B 137 -28.36 -8.59 -13.18
CA PRO B 137 -26.99 -8.58 -12.69
C PRO B 137 -26.26 -7.30 -13.05
N VAL B 138 -25.40 -6.80 -12.17
CA VAL B 138 -24.65 -5.57 -12.42
C VAL B 138 -23.36 -5.63 -11.61
N ASN B 139 -22.26 -5.21 -12.24
CA ASN B 139 -20.97 -5.19 -11.57
C ASN B 139 -20.87 -3.95 -10.68
N ILE B 140 -20.51 -4.16 -9.41
CA ILE B 140 -20.36 -3.05 -8.47
C ILE B 140 -19.02 -3.19 -7.74
N THR B 141 -18.55 -2.06 -7.21
CA THR B 141 -17.29 -1.99 -6.49
C THR B 141 -17.50 -1.23 -5.18
N GLY B 142 -17.03 -1.80 -4.09
CA GLY B 142 -17.22 -1.21 -2.77
C GLY B 142 -15.89 -0.91 -2.10
N LEU B 143 -15.89 0.14 -1.27
CA LEU B 143 -14.70 0.57 -0.55
C LEU B 143 -15.08 0.91 0.89
N GLY B 144 -14.25 0.47 1.83
CA GLY B 144 -14.53 0.72 3.23
C GLY B 144 -13.30 0.48 4.09
N ALA B 145 -13.42 0.88 5.35
CA ALA B 145 -12.35 0.76 6.32
C ALA B 145 -12.81 -0.10 7.48
N VAL B 146 -11.99 -1.08 7.87
CA VAL B 146 -12.39 -2.04 8.89
C VAL B 146 -12.43 -1.36 10.25
N GLY B 147 -13.46 -1.65 11.02
CA GLY B 147 -13.66 -1.03 12.31
C GLY B 147 -13.61 -2.02 13.45
N PRO B 148 -13.78 -1.53 14.68
CA PRO B 148 -13.64 -2.38 15.86
C PRO B 148 -14.74 -3.43 15.95
N ASN B 149 -14.46 -4.45 16.75
CA ASN B 149 -15.38 -5.58 16.90
C ASN B 149 -16.68 -5.12 17.57
N PRO B 150 -17.79 -5.78 17.28
CA PRO B 150 -19.05 -5.44 17.94
C PRO B 150 -18.99 -5.77 19.43
N VAL B 151 -19.72 -4.97 20.21
CA VAL B 151 -19.75 -5.16 21.66
C VAL B 151 -21.00 -5.94 22.06
N GLN C 1 11.79 -9.81 -0.80
CA GLN C 1 11.84 -10.63 0.41
C GLN C 1 12.02 -9.72 1.61
N VAL C 2 11.16 -9.89 2.61
CA VAL C 2 11.16 -9.02 3.78
C VAL C 2 12.34 -9.38 4.67
N GLN C 3 13.20 -8.41 4.95
CA GLN C 3 14.37 -8.62 5.79
C GLN C 3 14.86 -7.28 6.32
N LEU C 4 15.36 -7.30 7.55
CA LEU C 4 16.00 -6.14 8.17
C LEU C 4 17.43 -6.50 8.53
N VAL C 5 18.38 -5.69 8.06
CA VAL C 5 19.79 -5.92 8.31
C VAL C 5 20.32 -4.78 9.16
N GLN C 6 21.09 -5.12 10.19
CA GLN C 6 21.63 -4.15 11.13
C GLN C 6 23.13 -3.96 10.91
N SER C 7 23.64 -2.87 11.46
CA SER C 7 25.05 -2.56 11.35
C SER C 7 25.88 -3.49 12.25
N GLY C 8 27.19 -3.44 12.07
CA GLY C 8 28.08 -4.34 12.77
C GLY C 8 28.27 -3.97 14.23
N ALA C 9 28.81 -4.94 14.98
CA ALA C 9 29.02 -4.77 16.40
C ALA C 9 30.07 -3.70 16.68
N GLU C 10 29.92 -3.04 17.83
CA GLU C 10 30.80 -1.94 18.19
C GLU C 10 31.24 -2.09 19.64
N VAL C 11 32.34 -1.41 19.97
CA VAL C 11 32.81 -1.30 21.34
C VAL C 11 33.04 0.17 21.63
N LYS C 12 32.54 0.65 22.76
CA LYS C 12 32.62 2.05 23.12
C LYS C 12 33.13 2.18 24.56
N LYS C 13 33.69 3.34 24.86
CA LYS C 13 34.16 3.68 26.19
C LYS C 13 33.04 4.29 27.00
N PRO C 14 33.12 4.25 28.35
CA PRO C 14 32.05 4.81 29.17
C PRO C 14 31.83 6.29 28.91
N GLY C 15 30.70 6.61 28.27
CA GLY C 15 30.39 7.95 27.84
C GLY C 15 30.71 8.10 26.38
N ALA C 16 29.69 7.96 25.52
CA ALA C 16 29.86 8.00 24.08
C ALA C 16 28.48 7.79 23.46
N SER C 17 28.36 8.14 22.19
CA SER C 17 27.14 7.95 21.43
C SER C 17 27.33 6.80 20.46
N VAL C 18 26.44 5.81 20.52
CA VAL C 18 26.43 4.69 19.60
C VAL C 18 25.20 4.83 18.70
N LYS C 19 25.44 4.85 17.39
CA LYS C 19 24.37 4.94 16.40
C LYS C 19 24.26 3.62 15.67
N VAL C 20 23.09 2.96 15.77
CA VAL C 20 22.85 1.67 15.17
C VAL C 20 21.75 1.82 14.14
N ALA C 21 22.01 1.35 12.92
CA ALA C 21 21.07 1.45 11.82
C ALA C 21 20.44 0.11 11.53
N CYS C 22 19.26 0.14 10.89
CA CYS C 22 18.53 -1.06 10.52
C CYS C 22 17.92 -0.82 9.15
N LYS C 23 18.59 -1.31 8.11
CA LYS C 23 18.09 -1.15 6.75
C LYS C 23 16.87 -2.03 6.53
N ALA C 24 15.97 -1.56 5.68
CA ALA C 24 14.73 -2.26 5.37
C ALA C 24 14.64 -2.50 3.87
N SER C 25 14.18 -3.69 3.49
CA SER C 25 14.02 -4.04 2.10
C SER C 25 12.91 -5.06 1.95
N GLY C 26 12.23 -5.02 0.80
CA GLY C 26 11.22 -5.99 0.46
C GLY C 26 9.78 -5.55 0.65
N TYR C 27 9.55 -4.33 1.10
CA TYR C 27 8.20 -3.86 1.39
C TYR C 27 8.21 -2.34 1.44
N ASN C 28 7.11 -1.76 1.93
CA ASN C 28 6.97 -0.31 2.07
C ASN C 28 7.55 0.10 3.42
N PHE C 29 8.65 0.85 3.40
CA PHE C 29 9.28 1.27 4.64
C PHE C 29 8.36 2.16 5.46
N ILE C 30 7.69 3.11 4.81
CA ILE C 30 6.88 4.09 5.52
C ILE C 30 5.56 3.54 6.02
N HIS C 31 5.23 2.28 5.69
CA HIS C 31 3.95 1.71 6.09
C HIS C 31 3.97 1.07 7.46
N TYR C 32 5.11 0.61 7.94
CA TYR C 32 5.17 -0.21 9.15
C TYR C 32 5.97 0.49 10.24
N TYR C 33 5.50 0.39 11.47
CA TYR C 33 6.24 0.86 12.63
C TYR C 33 7.44 -0.04 12.89
N LEU C 34 8.41 0.49 13.63
CA LEU C 34 9.60 -0.27 13.99
C LEU C 34 9.90 -0.05 15.46
N HIS C 35 10.55 -1.03 16.07
CA HIS C 35 10.88 -1.00 17.49
C HIS C 35 12.37 -1.26 17.68
N TRP C 36 12.82 -1.06 18.91
CA TRP C 36 14.19 -1.39 19.31
C TRP C 36 14.14 -2.12 20.64
N VAL C 37 14.78 -3.28 20.70
CA VAL C 37 14.79 -4.14 21.88
C VAL C 37 16.23 -4.46 22.24
N ARG C 38 16.58 -4.26 23.51
CA ARG C 38 17.92 -4.53 24.00
C ARG C 38 17.96 -5.92 24.63
N GLN C 39 19.15 -6.51 24.66
CA GLN C 39 19.34 -7.87 25.16
C GLN C 39 20.70 -7.94 25.87
N ALA C 40 20.67 -7.77 27.18
CA ALA C 40 21.87 -7.98 27.96
C ALA C 40 22.28 -9.45 27.87
N PRO C 41 23.59 -9.75 27.98
CA PRO C 41 24.03 -11.13 27.74
C PRO C 41 23.41 -12.15 28.68
N GLY C 42 23.15 -11.78 29.92
CA GLY C 42 22.55 -12.71 30.86
C GLY C 42 21.07 -12.49 31.09
N GLN C 43 20.64 -11.23 31.11
CA GLN C 43 19.26 -10.89 31.42
C GLN C 43 18.39 -11.09 30.17
N GLY C 44 17.14 -10.62 30.24
CA GLY C 44 16.17 -10.83 29.20
C GLY C 44 16.02 -9.64 28.26
N LEU C 45 14.91 -9.64 27.53
CA LEU C 45 14.64 -8.62 26.53
C LEU C 45 14.03 -7.37 27.16
N GLU C 46 14.54 -6.21 26.74
CA GLU C 46 14.07 -4.92 27.25
C GLU C 46 13.68 -4.04 26.07
N TRP C 47 12.38 -3.79 25.93
CA TRP C 47 11.89 -2.90 24.87
C TRP C 47 12.29 -1.47 25.16
N MET C 48 12.75 -0.76 24.13
CA MET C 48 13.29 0.58 24.29
C MET C 48 12.42 1.68 23.69
N GLY C 49 11.76 1.45 22.57
CA GLY C 49 10.92 2.48 22.00
C GLY C 49 10.35 2.06 20.67
N ILE C 50 9.55 2.96 20.10
CA ILE C 50 8.87 2.74 18.82
C ILE C 50 9.07 3.98 17.97
N ILE C 51 8.94 3.81 16.66
CA ILE C 51 9.16 4.88 15.70
C ILE C 51 8.14 4.76 14.58
N ASN C 52 7.65 5.91 14.09
CA ASN C 52 6.82 5.96 12.91
C ASN C 52 7.68 6.38 11.73
N PRO C 53 7.95 5.49 10.76
CA PRO C 53 8.82 5.87 9.63
C PRO C 53 8.16 6.78 8.61
N SER C 54 6.95 7.26 8.85
CA SER C 54 6.30 8.20 7.93
C SER C 54 6.37 9.64 8.44
N VAL C 55 6.12 9.85 9.74
CA VAL C 55 6.17 11.18 10.32
C VAL C 55 7.33 11.37 11.28
N GLY C 56 7.95 10.30 11.76
CA GLY C 56 9.08 10.42 12.65
C GLY C 56 8.75 10.46 14.13
N ARG C 57 7.49 10.28 14.50
CA ARG C 57 7.13 10.32 15.91
C ARG C 57 7.76 9.15 16.66
N THR C 58 8.10 9.39 17.91
CA THR C 58 8.77 8.40 18.75
C THR C 58 8.03 8.24 20.07
N THR C 59 8.29 7.12 20.73
CA THR C 59 7.74 6.88 22.06
C THR C 59 8.75 6.03 22.83
N TYR C 60 9.51 6.66 23.71
CA TYR C 60 10.61 6.03 24.40
C TYR C 60 10.18 5.49 25.76
N ALA C 61 11.05 4.70 26.36
CA ALA C 61 10.81 4.08 27.65
C ALA C 61 11.27 5.00 28.77
N GLN C 62 10.72 4.75 29.97
CA GLN C 62 11.04 5.60 31.12
C GLN C 62 12.50 5.47 31.51
N LYS C 63 13.04 4.25 31.49
CA LYS C 63 14.45 4.06 31.80
C LYS C 63 15.34 4.80 30.81
N PHE C 64 15.03 4.66 29.52
CA PHE C 64 15.79 5.30 28.44
C PHE C 64 15.16 6.63 28.04
N GLN C 65 14.94 7.52 29.00
CA GLN C 65 14.20 8.74 28.72
C GLN C 65 15.11 9.84 28.19
N GLY C 66 16.11 10.21 28.96
CA GLY C 66 17.00 11.29 28.54
C GLY C 66 18.22 10.85 27.74
N ARG C 67 18.28 9.58 27.31
CA ARG C 67 19.49 9.05 26.70
C ARG C 67 19.29 8.47 25.31
N VAL C 68 18.05 8.29 24.85
CA VAL C 68 17.76 7.60 23.61
C VAL C 68 17.06 8.55 22.65
N THR C 69 17.55 8.62 21.42
CA THR C 69 16.88 9.32 20.33
C THR C 69 16.80 8.35 19.15
N MET C 70 15.65 8.32 18.49
CA MET C 70 15.45 7.49 17.30
C MET C 70 15.14 8.36 16.10
N THR C 71 15.73 8.00 14.96
CA THR C 71 15.57 8.74 13.73
C THR C 71 15.34 7.76 12.58
N ARG C 72 14.92 8.30 11.44
CA ARG C 72 14.61 7.51 10.27
C ARG C 72 15.20 8.20 9.05
N ASP C 73 15.36 7.43 7.97
CA ASP C 73 15.73 8.00 6.68
C ASP C 73 14.86 7.31 5.65
N THR C 74 13.90 8.05 5.09
CA THR C 74 12.98 7.49 4.11
C THR C 74 13.72 7.10 2.83
N SER C 75 14.69 7.91 2.41
CA SER C 75 15.37 7.67 1.14
C SER C 75 16.06 6.32 1.09
N THR C 76 16.75 5.95 2.16
CA THR C 76 17.48 4.70 2.22
C THR C 76 16.80 3.63 3.06
N SER C 77 15.57 3.89 3.54
CA SER C 77 14.77 2.90 4.27
C SER C 77 15.52 2.38 5.49
N THR C 78 16.02 3.29 6.31
CA THR C 78 16.80 2.94 7.48
C THR C 78 16.28 3.69 8.71
N VAL C 79 16.34 3.03 9.85
CA VAL C 79 15.96 3.61 11.13
C VAL C 79 17.17 3.55 12.05
N TYR C 80 17.36 4.61 12.84
CA TYR C 80 18.57 4.79 13.62
C TYR C 80 18.24 4.86 15.11
N MET C 81 19.18 4.39 15.93
CA MET C 81 19.07 4.45 17.38
C MET C 81 20.36 5.03 17.95
N GLU C 82 20.24 5.90 18.95
CA GLU C 82 21.41 6.52 19.58
C GLU C 82 21.28 6.44 21.10
N LEU C 83 22.37 6.02 21.75
CA LEU C 83 22.46 5.95 23.20
C LEU C 83 23.59 6.85 23.68
N SER C 84 23.28 7.74 24.63
CA SER C 84 24.14 8.90 24.89
C SER C 84 25.05 8.72 26.11
N SER C 85 24.48 8.47 27.29
CA SER C 85 25.32 8.40 28.49
C SER C 85 26.24 7.19 28.43
N LEU C 86 25.71 6.03 28.07
CA LEU C 86 26.50 4.84 27.73
C LEU C 86 27.41 4.41 28.88
N ARG C 87 26.78 3.98 29.97
CA ARG C 87 27.52 3.36 31.06
C ARG C 87 27.79 1.90 30.74
N SER C 88 28.54 1.24 31.63
CA SER C 88 28.95 -0.14 31.38
C SER C 88 27.77 -1.09 31.29
N GLU C 89 26.68 -0.78 32.00
CA GLU C 89 25.50 -1.63 31.96
C GLU C 89 24.81 -1.62 30.61
N ASP C 90 25.18 -0.70 29.71
CA ASP C 90 24.62 -0.67 28.37
C ASP C 90 25.39 -1.58 27.42
N THR C 91 25.61 -2.81 27.85
CA THR C 91 26.26 -3.84 27.05
C THR C 91 25.18 -4.86 26.69
N ALA C 92 24.70 -4.79 25.45
CA ALA C 92 23.55 -5.58 25.06
C ALA C 92 23.53 -5.72 23.55
N VAL C 93 22.72 -6.66 23.09
CA VAL C 93 22.44 -6.82 21.66
C VAL C 93 21.18 -6.03 21.35
N TYR C 94 21.28 -5.11 20.40
CA TYR C 94 20.19 -4.21 20.08
C TYR C 94 19.50 -4.70 18.81
N TYR C 95 18.17 -4.79 18.86
CA TYR C 95 17.40 -5.43 17.82
C TYR C 95 16.43 -4.44 17.19
N CYS C 96 16.26 -4.52 15.89
CA CYS C 96 15.21 -3.82 15.17
C CYS C 96 14.19 -4.86 14.70
N ALA C 97 12.90 -4.60 14.95
CA ALA C 97 11.83 -5.52 14.61
C ALA C 97 10.67 -4.74 13.99
N ARG C 98 10.14 -5.25 12.89
CA ARG C 98 9.04 -4.59 12.19
C ARG C 98 7.72 -4.90 12.89
N ASP C 99 6.95 -3.86 13.16
CA ASP C 99 5.64 -3.99 13.78
C ASP C 99 4.56 -4.06 12.71
N VAL C 100 3.52 -4.84 12.99
CA VAL C 100 2.45 -5.07 12.02
C VAL C 100 1.12 -4.62 12.61
N GLY C 101 0.04 -4.81 11.85
CA GLY C 101 -1.29 -4.46 12.29
C GLY C 101 -1.71 -3.04 11.97
N GLY C 102 -1.19 -2.06 12.71
CA GLY C 102 -1.46 -0.66 12.44
C GLY C 102 -0.38 -0.10 11.55
N MET C 103 -0.79 0.51 10.44
CA MET C 103 0.18 0.81 9.40
C MET C 103 0.31 2.29 9.06
N THR C 104 0.37 3.15 10.08
CA THR C 104 0.88 4.51 9.99
C THR C 104 0.04 5.45 9.14
N TYR C 105 -1.00 4.95 8.48
CA TYR C 105 -1.90 5.83 7.74
C TYR C 105 -3.22 6.05 8.44
N CYS C 106 -3.59 5.17 9.37
CA CYS C 106 -4.73 5.44 10.24
C CYS C 106 -4.44 6.63 11.14
N GLY C 107 -3.23 6.71 11.66
CA GLY C 107 -2.87 7.76 12.60
C GLY C 107 -3.10 7.30 14.02
N ASP C 108 -3.81 8.12 14.80
CA ASP C 108 -4.11 7.76 16.17
C ASP C 108 -5.23 6.74 16.27
N GLU C 109 -5.97 6.50 15.19
CA GLU C 109 -7.07 5.55 15.25
C GLU C 109 -6.59 4.12 15.40
N CYS C 110 -5.33 3.84 15.10
CA CYS C 110 -4.76 2.53 15.37
C CYS C 110 -3.35 2.68 15.94
N PHE C 111 -3.19 3.62 16.88
CA PHE C 111 -1.89 3.70 17.53
C PHE C 111 -1.97 3.39 19.02
N PRO C 112 -2.63 2.31 19.43
CA PRO C 112 -2.01 1.43 20.40
C PRO C 112 -1.32 0.30 19.67
N PRO C 113 -0.44 0.62 18.70
CA PRO C 113 -0.28 -0.23 17.50
C PRO C 113 -0.14 -1.70 17.80
N ARG C 114 -1.14 -2.49 17.40
CA ARG C 114 -1.24 -3.88 17.78
C ARG C 114 -0.74 -4.77 16.66
N GLY C 115 0.24 -5.61 16.97
CA GLY C 115 0.83 -6.50 16.01
C GLY C 115 2.07 -7.16 16.56
N TRP C 116 2.24 -8.45 16.30
CA TRP C 116 3.42 -9.17 16.75
C TRP C 116 4.64 -8.68 15.98
N PHE C 117 5.81 -9.17 16.37
CA PHE C 117 7.06 -8.69 15.79
C PHE C 117 7.39 -9.51 14.56
N ASP C 118 7.11 -8.95 13.38
CA ASP C 118 7.59 -9.51 12.14
C ASP C 118 9.06 -9.13 12.01
N PRO C 119 9.77 -9.62 10.97
CA PRO C 119 11.15 -10.08 11.18
C PRO C 119 11.99 -9.24 12.13
N TRP C 120 12.55 -9.90 13.15
CA TRP C 120 13.56 -9.24 13.97
C TRP C 120 14.82 -9.02 13.14
N GLY C 121 15.60 -8.03 13.55
CA GLY C 121 16.90 -7.82 12.94
C GLY C 121 17.89 -8.90 13.37
N GLN C 122 19.03 -8.91 12.69
CA GLN C 122 20.06 -9.89 13.01
C GLN C 122 20.66 -9.65 14.39
N GLY C 123 20.64 -8.41 14.85
CA GLY C 123 21.22 -8.05 16.13
C GLY C 123 22.54 -7.32 15.96
N THR C 124 22.83 -6.43 16.92
CA THR C 124 24.08 -5.67 16.94
C THR C 124 24.53 -5.58 18.38
N LEU C 125 25.74 -6.05 18.66
CA LEU C 125 26.27 -6.07 20.02
C LEU C 125 27.13 -4.84 20.26
N VAL C 126 26.87 -4.15 21.37
CA VAL C 126 27.63 -2.97 21.76
C VAL C 126 28.19 -3.24 23.15
N THR C 127 29.49 -3.01 23.32
CA THR C 127 30.17 -3.24 24.59
C THR C 127 30.74 -1.93 25.11
N VAL C 128 30.44 -1.61 26.36
CA VAL C 128 30.92 -0.38 26.97
C VAL C 128 32.04 -0.71 27.95
N MET D 1 4.92 -8.98 33.41
CA MET D 1 4.33 -10.24 32.96
C MET D 1 5.18 -11.39 33.45
N PRO D 2 5.01 -11.81 34.71
CA PRO D 2 5.80 -12.93 35.22
C PRO D 2 5.52 -14.22 34.47
N GLN D 3 6.57 -15.02 34.30
CA GLN D 3 6.46 -16.36 33.72
C GLN D 3 6.65 -17.34 34.87
N VAL D 4 5.57 -18.05 35.23
CA VAL D 4 5.60 -18.90 36.41
C VAL D 4 6.69 -19.97 36.35
N PRO D 5 6.83 -20.74 35.25
CA PRO D 5 7.97 -21.66 35.18
C PRO D 5 9.23 -20.95 34.69
N VAL D 6 10.27 -20.94 35.51
CA VAL D 6 11.50 -20.24 35.18
C VAL D 6 12.44 -21.19 34.43
N SER D 7 12.50 -22.44 34.88
CA SER D 7 13.32 -23.45 34.22
C SER D 7 12.70 -24.81 34.47
N LEU D 8 12.37 -25.52 33.40
CA LEU D 8 11.74 -26.83 33.50
C LEU D 8 12.48 -27.79 32.58
N SER D 9 12.84 -28.96 33.11
CA SER D 9 13.48 -30.02 32.34
C SER D 9 12.55 -31.22 32.29
N ALA D 10 12.32 -31.74 31.10
CA ALA D 10 11.43 -32.87 30.92
C ALA D 10 12.03 -33.83 29.89
N SER D 11 11.61 -35.09 29.98
CA SER D 11 12.15 -36.13 29.12
C SER D 11 11.75 -35.88 27.66
N VAL D 12 12.59 -36.38 26.75
CA VAL D 12 12.33 -36.22 25.33
C VAL D 12 11.03 -36.93 24.97
N GLY D 13 10.11 -36.19 24.35
CA GLY D 13 8.80 -36.71 24.00
C GLY D 13 7.70 -36.40 24.98
N ASP D 14 7.99 -35.63 26.04
CA ASP D 14 6.97 -35.26 27.01
C ASP D 14 6.21 -34.02 26.54
N ARG D 15 5.22 -33.62 27.32
CA ARG D 15 4.44 -32.43 27.05
C ARG D 15 4.88 -31.30 27.96
N VAL D 16 5.07 -30.12 27.37
CA VAL D 16 5.56 -28.94 28.07
C VAL D 16 4.49 -27.87 28.06
N THR D 17 4.20 -27.32 29.24
CA THR D 17 3.23 -26.25 29.38
C THR D 17 3.91 -25.08 30.08
N ILE D 18 3.85 -23.91 29.47
CA ILE D 18 4.48 -22.71 29.99
C ILE D 18 3.43 -21.62 30.08
N THR D 19 3.29 -21.00 31.25
CA THR D 19 2.21 -20.06 31.50
C THR D 19 2.74 -18.65 31.66
N CYS D 20 1.96 -17.68 31.21
CA CYS D 20 2.26 -16.26 31.33
C CYS D 20 1.08 -15.56 31.99
N GLN D 21 1.37 -14.65 32.90
CA GLN D 21 0.34 -13.86 33.57
C GLN D 21 0.56 -12.38 33.30
N ALA D 22 -0.52 -11.67 33.01
CA ALA D 22 -0.49 -10.26 32.70
C ALA D 22 -0.99 -9.45 33.89
N SER D 23 -0.59 -8.19 33.93
CA SER D 23 -1.05 -7.26 34.95
C SER D 23 -2.41 -6.67 34.64
N GLN D 24 -2.87 -6.78 33.40
CA GLN D 24 -4.16 -6.25 33.00
C GLN D 24 -4.67 -7.07 31.82
N ASP D 25 -5.90 -6.79 31.40
CA ASP D 25 -6.48 -7.51 30.28
C ASP D 25 -5.77 -7.11 28.99
N ILE D 26 -5.37 -8.13 28.22
CA ILE D 26 -4.65 -7.93 26.97
C ILE D 26 -5.45 -8.43 25.77
N GLY D 27 -6.31 -9.42 25.99
CA GLY D 27 -7.05 -10.03 24.90
C GLY D 27 -6.26 -11.17 24.29
N ASN D 28 -6.05 -11.09 22.97
CA ASN D 28 -5.19 -12.03 22.26
C ASN D 28 -3.93 -11.33 21.74
N TYR D 29 -3.58 -10.19 22.32
CA TYR D 29 -2.40 -9.44 21.89
C TYR D 29 -1.14 -9.91 22.60
N LEU D 30 -0.91 -11.23 22.56
CA LEU D 30 0.28 -11.82 23.14
C LEU D 30 0.86 -12.82 22.16
N THR D 31 2.18 -12.94 22.16
CA THR D 31 2.88 -13.84 21.25
C THR D 31 3.92 -14.64 22.02
N TRP D 32 4.25 -15.81 21.49
CA TRP D 32 5.28 -16.68 22.04
C TRP D 32 6.43 -16.78 21.06
N SER D 33 7.65 -16.57 21.55
CA SER D 33 8.84 -16.59 20.73
C SER D 33 9.88 -17.52 21.35
N GLN D 34 10.72 -18.08 20.50
CA GLN D 34 11.76 -19.01 20.92
C GLN D 34 13.12 -18.43 20.55
N GLN D 35 14.06 -18.45 21.51
CA GLN D 35 15.37 -17.86 21.30
C GLN D 35 16.46 -18.88 21.61
N LYS D 36 17.34 -19.10 20.66
CA LYS D 36 18.54 -19.89 20.87
C LYS D 36 19.64 -19.02 21.47
N PRO D 37 20.70 -19.63 22.06
CA PRO D 37 21.75 -18.84 22.70
C PRO D 37 22.26 -17.67 21.88
N GLY D 38 22.81 -17.93 20.70
CA GLY D 38 23.15 -16.84 19.81
C GLY D 38 22.25 -16.79 18.59
N LYS D 39 21.26 -15.90 18.61
CA LYS D 39 20.29 -15.74 17.53
C LYS D 39 19.34 -14.61 17.93
N ALA D 40 18.57 -14.15 16.95
CA ALA D 40 17.40 -13.34 17.26
C ALA D 40 16.23 -14.26 17.60
N PRO D 41 15.32 -13.82 18.47
CA PRO D 41 14.21 -14.69 18.86
C PRO D 41 13.32 -15.01 17.66
N LYS D 42 12.94 -16.29 17.55
CA LYS D 42 12.11 -16.73 16.44
C LYS D 42 10.66 -16.83 16.91
N LEU D 43 9.74 -16.53 16.00
CA LEU D 43 8.34 -16.38 16.33
C LEU D 43 7.61 -17.71 16.18
N LEU D 44 6.88 -18.10 17.22
CA LEU D 44 6.13 -19.36 17.22
C LEU D 44 4.68 -19.17 16.78
N ILE D 45 3.96 -18.26 17.45
CA ILE D 45 2.55 -18.02 17.15
C ILE D 45 2.28 -16.52 17.14
N TYR D 46 1.38 -16.09 16.23
CA TYR D 46 1.04 -14.68 16.10
C TYR D 46 0.40 -14.16 17.38
N ASP D 47 -0.76 -14.70 17.71
CA ASP D 47 -1.61 -14.24 18.79
C ASP D 47 -1.71 -15.36 19.83
N ALA D 48 -2.64 -15.20 20.77
CA ALA D 48 -2.87 -16.19 21.82
C ALA D 48 -2.79 -17.62 21.31
N SER D 49 -3.35 -17.88 20.12
CA SER D 49 -3.18 -19.18 19.48
C SER D 49 -3.29 -18.97 17.97
N ASN D 50 -2.15 -18.84 17.30
CA ASN D 50 -2.15 -18.72 15.84
C ASN D 50 -0.76 -19.11 15.34
N LEU D 51 -0.65 -20.35 14.85
CA LEU D 51 0.66 -20.91 14.52
C LEU D 51 1.29 -20.18 13.33
N GLN D 52 2.58 -19.87 13.46
CA GLN D 52 3.37 -19.36 12.36
C GLN D 52 3.53 -20.41 11.27
N THR D 53 3.61 -19.94 10.03
CA THR D 53 3.84 -20.83 8.89
C THR D 53 5.29 -21.31 8.89
N GLY D 54 5.47 -22.63 8.90
CA GLY D 54 6.78 -23.25 8.91
C GLY D 54 7.15 -23.89 10.24
N VAL D 55 6.51 -23.46 11.32
CA VAL D 55 6.78 -24.05 12.63
C VAL D 55 6.02 -25.38 12.76
N PRO D 56 6.69 -26.48 13.11
CA PRO D 56 6.00 -27.73 13.37
C PRO D 56 4.77 -27.56 14.24
N SER D 57 3.82 -28.50 14.07
CA SER D 57 2.54 -28.43 14.76
C SER D 57 2.63 -28.87 16.21
N ARG D 58 3.82 -29.14 16.75
CA ARG D 58 3.95 -29.40 18.17
C ARG D 58 3.56 -28.18 18.99
N PHE D 59 4.00 -27.00 18.55
CA PHE D 59 3.76 -25.77 19.30
C PHE D 59 2.33 -25.29 19.09
N SER D 60 1.62 -25.06 20.19
CA SER D 60 0.24 -24.60 20.14
C SER D 60 -0.02 -23.69 21.32
N GLY D 61 -0.63 -22.53 21.05
CA GLY D 61 -0.94 -21.56 22.08
C GLY D 61 -2.37 -21.68 22.59
N SER D 62 -2.64 -20.97 23.67
CA SER D 62 -3.95 -20.97 24.31
C SER D 62 -4.00 -19.82 25.30
N GLY D 63 -5.16 -19.64 25.91
CA GLY D 63 -5.38 -18.57 26.87
C GLY D 63 -5.91 -17.30 26.24
N SER D 64 -6.52 -16.46 27.07
CA SER D 64 -7.06 -15.20 26.60
C SER D 64 -7.25 -14.27 27.79
N GLY D 65 -7.14 -12.98 27.52
CA GLY D 65 -7.39 -11.95 28.52
C GLY D 65 -6.20 -11.66 29.42
N THR D 66 -5.97 -12.53 30.39
CA THR D 66 -4.85 -12.35 31.31
C THR D 66 -3.98 -13.59 31.44
N TYR D 67 -4.57 -14.78 31.43
CA TYR D 67 -3.85 -16.03 31.60
C TYR D 67 -3.59 -16.66 30.24
N PHE D 68 -2.31 -16.77 29.88
CA PHE D 68 -1.90 -17.35 28.61
C PHE D 68 -1.00 -18.55 28.88
N THR D 69 -1.01 -19.50 27.95
CA THR D 69 -0.21 -20.71 28.10
C THR D 69 0.33 -21.15 26.74
N LEU D 70 1.47 -21.84 26.79
CA LEU D 70 2.13 -22.38 25.62
C LEU D 70 2.25 -23.89 25.81
N THR D 71 1.84 -24.67 24.82
CA THR D 71 1.86 -26.12 24.92
C THR D 71 2.75 -26.70 23.83
N ILE D 72 3.46 -27.77 24.18
CA ILE D 72 4.32 -28.51 23.26
C ILE D 72 3.99 -29.99 23.42
N SER D 73 3.59 -30.63 22.33
CA SER D 73 3.15 -32.02 22.41
C SER D 73 4.31 -32.98 22.58
N SER D 74 5.40 -32.77 21.83
CA SER D 74 6.56 -33.63 21.90
C SER D 74 7.81 -32.79 22.11
N LEU D 75 8.80 -33.37 22.77
CA LEU D 75 9.93 -32.61 23.28
C LEU D 75 11.23 -32.96 22.57
N GLN D 76 11.18 -32.99 21.24
CA GLN D 76 12.34 -33.24 20.39
C GLN D 76 13.53 -32.39 20.81
N PRO D 77 14.76 -32.84 20.57
CA PRO D 77 15.93 -32.12 21.09
C PRO D 77 16.07 -30.70 20.54
N GLU D 78 15.44 -30.38 19.42
CA GLU D 78 15.48 -29.01 18.89
C GLU D 78 14.79 -28.01 19.79
N ASP D 79 14.22 -28.45 20.91
CA ASP D 79 13.44 -27.59 21.79
C ASP D 79 14.26 -26.97 22.91
N ILE D 80 15.56 -27.23 22.96
CA ILE D 80 16.41 -26.66 24.01
C ILE D 80 16.64 -25.20 23.66
N ALA D 81 15.90 -24.30 24.31
CA ALA D 81 15.99 -22.87 24.04
C ALA D 81 15.34 -22.13 25.19
N THR D 82 15.09 -20.83 24.99
CA THR D 82 14.30 -20.01 25.90
C THR D 82 13.08 -19.50 25.16
N TYR D 83 11.96 -19.44 25.88
CA TYR D 83 10.70 -18.96 25.34
C TYR D 83 10.26 -17.71 26.08
N TYR D 84 9.64 -16.79 25.36
CA TYR D 84 9.21 -15.52 25.93
C TYR D 84 7.78 -15.21 25.51
N CYS D 85 7.00 -14.67 26.44
CA CYS D 85 5.70 -14.11 26.17
C CYS D 85 5.82 -12.59 26.23
N GLN D 86 5.37 -11.92 25.17
CA GLN D 86 5.45 -10.47 25.07
C GLN D 86 4.10 -9.93 24.61
N GLN D 87 3.63 -8.89 25.28
CA GLN D 87 2.35 -8.28 24.93
C GLN D 87 2.57 -7.15 23.94
N TYR D 88 1.58 -6.96 23.06
CA TYR D 88 1.53 -5.82 22.17
C TYR D 88 0.17 -5.15 22.28
N ASP D 89 -0.29 -4.92 23.51
CA ASP D 89 -1.56 -4.25 23.75
C ASP D 89 -1.37 -2.76 24.03
N ASN D 90 -0.54 -2.42 25.01
CA ASN D 90 -0.33 -1.04 25.40
C ASN D 90 1.01 -0.52 24.87
N VAL D 91 1.21 0.79 25.02
CA VAL D 91 2.35 1.45 24.36
C VAL D 91 3.69 0.94 24.84
N PRO D 92 3.95 0.78 26.15
CA PRO D 92 5.19 0.11 26.57
C PRO D 92 5.12 -1.40 26.36
N ILE D 93 5.82 -1.91 25.34
CA ILE D 93 5.90 -3.36 25.14
C ILE D 93 6.73 -3.97 26.25
N THR D 94 6.21 -5.03 26.86
CA THR D 94 6.91 -5.73 27.92
C THR D 94 7.04 -7.20 27.55
N PHE D 95 8.07 -7.84 28.09
CA PHE D 95 8.35 -9.24 27.85
C PHE D 95 8.13 -10.05 29.12
N GLY D 96 8.23 -11.37 28.99
CA GLY D 96 7.90 -12.25 30.09
C GLY D 96 8.97 -12.41 31.14
N GLY D 97 10.14 -12.89 30.75
CA GLY D 97 11.19 -13.22 31.69
C GLY D 97 11.95 -14.45 31.28
N GLY D 98 11.31 -15.31 30.49
CA GLY D 98 11.99 -16.43 29.87
C GLY D 98 11.95 -17.72 30.65
N THR D 99 11.92 -18.85 29.94
CA THR D 99 12.04 -20.16 30.54
C THR D 99 13.15 -20.92 29.84
N GLU D 100 14.08 -21.46 30.62
CA GLU D 100 15.12 -22.32 30.11
C GLU D 100 14.64 -23.77 30.20
N VAL D 101 14.49 -24.43 29.05
CA VAL D 101 13.99 -25.80 28.98
C VAL D 101 15.15 -26.72 28.66
N GLU D 102 15.30 -27.77 29.45
CA GLU D 102 16.33 -28.77 29.25
C GLU D 102 15.69 -30.12 28.94
N ILE D 103 16.51 -31.06 28.49
CA ILE D 103 16.04 -32.41 28.27
C ILE D 103 16.63 -33.33 29.33
N GLN E 1 15.09 1.55 -1.93
CA GLN E 1 15.41 2.27 -3.15
C GLN E 1 14.86 1.52 -4.34
N VAL E 2 14.06 2.18 -5.16
CA VAL E 2 13.37 1.52 -6.26
C VAL E 2 14.36 1.19 -7.34
N GLN E 3 14.43 -0.09 -7.73
CA GLN E 3 15.40 -0.54 -8.71
C GLN E 3 14.93 -1.86 -9.31
N LEU E 4 15.17 -2.03 -10.60
CA LEU E 4 14.91 -3.27 -11.31
C LEU E 4 16.21 -3.75 -11.93
N VAL E 5 16.63 -4.96 -11.58
CA VAL E 5 17.85 -5.56 -12.11
C VAL E 5 17.47 -6.75 -12.98
N GLN E 6 18.12 -6.86 -14.14
CA GLN E 6 17.83 -7.90 -15.09
C GLN E 6 18.98 -8.90 -15.14
N SER E 7 18.69 -10.08 -15.68
CA SER E 7 19.69 -11.13 -15.81
C SER E 7 20.72 -10.76 -16.89
N GLY E 8 21.79 -11.52 -16.94
CA GLY E 8 22.88 -11.23 -17.85
C GLY E 8 22.54 -11.53 -19.30
N ALA E 9 23.38 -11.00 -20.18
CA ALA E 9 23.18 -11.16 -21.61
C ALA E 9 23.40 -12.61 -22.02
N GLU E 10 22.80 -12.98 -23.16
CA GLU E 10 22.81 -14.36 -23.60
C GLU E 10 22.95 -14.42 -25.12
N VAL E 11 23.39 -15.57 -25.60
CA VAL E 11 23.47 -15.87 -27.01
C VAL E 11 22.77 -17.21 -27.25
N LYS E 12 21.92 -17.27 -28.27
CA LYS E 12 21.12 -18.44 -28.54
C LYS E 12 21.18 -18.77 -30.03
N LYS E 13 20.93 -20.04 -30.35
CA LYS E 13 20.87 -20.51 -31.73
C LYS E 13 19.46 -20.34 -32.28
N PRO E 14 19.30 -20.27 -33.60
CA PRO E 14 17.97 -20.09 -34.18
C PRO E 14 17.01 -21.20 -33.80
N GLY E 15 16.04 -20.86 -32.95
CA GLY E 15 15.10 -21.82 -32.42
C GLY E 15 15.52 -22.23 -31.02
N ALA E 16 14.93 -21.61 -30.01
CA ALA E 16 15.27 -21.87 -28.62
C ALA E 16 14.39 -20.97 -27.75
N SER E 17 14.32 -21.29 -26.47
CA SER E 17 13.59 -20.48 -25.50
C SER E 17 14.58 -19.69 -24.67
N VAL E 18 14.40 -18.37 -24.63
CA VAL E 18 15.20 -17.49 -23.79
C VAL E 18 14.30 -16.97 -22.67
N LYS E 19 14.73 -17.13 -21.43
CA LYS E 19 13.99 -16.65 -20.28
C LYS E 19 14.78 -15.53 -19.61
N VAL E 20 14.18 -14.35 -19.52
CA VAL E 20 14.82 -13.16 -18.96
C VAL E 20 14.03 -12.72 -17.73
N ALA E 21 14.73 -12.54 -16.63
CA ALA E 21 14.12 -12.17 -15.36
C ALA E 21 14.41 -10.71 -15.03
N CYS E 22 13.57 -10.15 -14.16
CA CYS E 22 13.70 -8.77 -13.73
C CYS E 22 13.34 -8.69 -12.25
N LYS E 23 14.35 -8.78 -11.39
CA LYS E 23 14.11 -8.69 -9.96
C LYS E 23 13.66 -7.29 -9.57
N ALA E 24 12.79 -7.21 -8.57
CA ALA E 24 12.23 -5.96 -8.09
C ALA E 24 12.53 -5.78 -6.61
N SER E 25 12.93 -4.57 -6.24
CA SER E 25 13.23 -4.27 -4.84
C SER E 25 12.95 -2.80 -4.58
N GLY E 26 12.60 -2.50 -3.33
CA GLY E 26 12.39 -1.14 -2.89
C GLY E 26 10.95 -0.70 -2.77
N TYR E 27 9.98 -1.56 -3.09
CA TYR E 27 8.58 -1.17 -3.10
C TYR E 27 7.73 -2.42 -3.03
N ASN E 28 6.43 -2.26 -3.29
CA ASN E 28 5.48 -3.36 -3.30
C ASN E 28 5.44 -3.96 -4.71
N PHE E 29 5.91 -5.20 -4.84
CA PHE E 29 5.97 -5.83 -6.15
C PHE E 29 4.58 -6.02 -6.74
N ILE E 30 3.62 -6.47 -5.92
CA ILE E 30 2.30 -6.80 -6.42
C ILE E 30 1.44 -5.58 -6.71
N HIS E 31 1.93 -4.38 -6.41
CA HIS E 31 1.15 -3.16 -6.58
C HIS E 31 1.27 -2.55 -7.97
N TYR E 32 2.37 -2.78 -8.66
CA TYR E 32 2.66 -2.07 -9.90
C TYR E 32 2.73 -3.04 -11.07
N TYR E 33 2.21 -2.62 -12.21
CA TYR E 33 2.34 -3.39 -13.45
C TYR E 33 3.76 -3.28 -13.98
N LEU E 34 4.12 -4.22 -14.85
CA LEU E 34 5.44 -4.24 -15.47
C LEU E 34 5.28 -4.52 -16.96
N HIS E 35 6.26 -4.06 -17.73
CA HIS E 35 6.23 -4.18 -19.19
C HIS E 35 7.54 -4.80 -19.67
N TRP E 36 7.58 -5.11 -20.96
CA TRP E 36 8.78 -5.60 -21.63
C TRP E 36 8.90 -4.91 -22.97
N VAL E 37 10.06 -4.31 -23.23
CA VAL E 37 10.33 -3.56 -24.45
C VAL E 37 11.62 -4.05 -25.06
N ARG E 38 11.57 -4.40 -26.35
CA ARG E 38 12.75 -4.83 -27.08
C ARG E 38 13.43 -3.65 -27.76
N GLN E 39 14.72 -3.80 -28.03
CA GLN E 39 15.53 -2.74 -28.64
C GLN E 39 16.50 -3.39 -29.61
N ALA E 40 16.12 -3.48 -30.87
CA ALA E 40 17.05 -3.91 -31.91
C ALA E 40 18.18 -2.89 -32.02
N PRO E 41 19.39 -3.32 -32.36
CA PRO E 41 20.54 -2.42 -32.25
C PRO E 41 20.45 -1.19 -33.13
N GLY E 42 19.80 -1.29 -34.28
CA GLY E 42 19.65 -0.13 -35.16
C GLY E 42 18.29 0.53 -35.06
N GLN E 43 17.23 -0.28 -34.97
CA GLN E 43 15.87 0.24 -34.98
C GLN E 43 15.51 0.79 -33.60
N GLY E 44 14.23 1.15 -33.41
CA GLY E 44 13.78 1.79 -32.20
C GLY E 44 13.21 0.81 -31.18
N LEU E 45 12.41 1.35 -30.28
CA LEU E 45 11.84 0.58 -29.18
C LEU E 45 10.54 -0.09 -29.60
N GLU E 46 10.38 -1.35 -29.22
CA GLU E 46 9.19 -2.14 -29.54
C GLU E 46 8.61 -2.70 -28.27
N TRP E 47 7.47 -2.17 -27.84
CA TRP E 47 6.76 -2.70 -26.69
C TRP E 47 6.22 -4.09 -27.02
N MET E 48 6.36 -5.01 -26.06
CA MET E 48 5.99 -6.40 -26.29
C MET E 48 4.79 -6.88 -25.48
N GLY E 49 4.60 -6.42 -24.25
CA GLY E 49 3.45 -6.85 -23.49
C GLY E 49 3.47 -6.24 -22.10
N ILE E 50 2.42 -6.58 -21.34
CA ILE E 50 2.24 -6.08 -19.99
C ILE E 50 1.87 -7.26 -19.10
N ILE E 51 2.13 -7.11 -17.80
CA ILE E 51 1.87 -8.16 -16.83
C ILE E 51 1.31 -7.52 -15.56
N ASN E 52 0.36 -8.22 -14.93
CA ASN E 52 -0.14 -7.83 -13.62
C ASN E 52 0.51 -8.73 -12.58
N PRO E 53 1.44 -8.22 -11.77
CA PRO E 53 2.14 -9.09 -10.80
C PRO E 53 1.30 -9.50 -9.60
N SER E 54 0.01 -9.19 -9.58
CA SER E 54 -0.87 -9.62 -8.49
C SER E 54 -1.71 -10.83 -8.88
N VAL E 55 -2.30 -10.82 -10.07
CA VAL E 55 -3.11 -11.95 -10.53
C VAL E 55 -2.46 -12.72 -11.67
N GLY E 56 -1.46 -12.16 -12.33
CA GLY E 56 -0.78 -12.86 -13.40
C GLY E 56 -1.34 -12.65 -14.78
N ARG E 57 -2.31 -11.76 -14.94
CA ARG E 57 -2.87 -11.51 -16.26
C ARG E 57 -1.83 -10.87 -17.18
N THR E 58 -1.95 -11.18 -18.47
CA THR E 58 -1.02 -10.68 -19.46
C THR E 58 -1.78 -10.06 -20.62
N THR E 59 -1.07 -9.27 -21.42
CA THR E 59 -1.63 -8.70 -22.65
C THR E 59 -0.48 -8.48 -23.62
N TYR E 60 -0.38 -9.37 -24.61
CA TYR E 60 0.76 -9.40 -25.51
C TYR E 60 0.48 -8.62 -26.78
N ALA E 61 1.53 -8.44 -27.58
CA ALA E 61 1.45 -7.73 -28.85
C ALA E 61 1.11 -8.70 -29.98
N GLN E 62 0.61 -8.13 -31.06
CA GLN E 62 0.22 -8.95 -32.21
C GLN E 62 1.42 -9.63 -32.86
N LYS E 63 2.54 -8.92 -32.96
CA LYS E 63 3.74 -9.51 -33.54
C LYS E 63 4.23 -10.69 -32.72
N PHE E 64 4.34 -10.52 -31.41
CA PHE E 64 4.74 -11.59 -30.50
C PHE E 64 3.55 -12.30 -29.89
N GLN E 65 2.64 -12.79 -30.74
CA GLN E 65 1.42 -13.39 -30.24
C GLN E 65 1.64 -14.85 -29.84
N GLY E 66 2.08 -15.67 -30.78
CA GLY E 66 2.29 -17.08 -30.52
C GLY E 66 3.65 -17.46 -30.00
N ARG E 67 4.50 -16.50 -29.64
CA ARG E 67 5.88 -16.77 -29.29
C ARG E 67 6.31 -16.28 -27.92
N VAL E 68 5.50 -15.45 -27.24
CA VAL E 68 5.90 -14.80 -26.00
C VAL E 68 4.94 -15.21 -24.90
N THR E 69 5.50 -15.65 -23.78
CA THR E 69 4.75 -15.87 -22.54
C THR E 69 5.48 -15.16 -21.42
N MET E 70 4.72 -14.48 -20.55
CA MET E 70 5.28 -13.79 -19.40
C MET E 70 4.73 -14.39 -18.11
N THR E 71 5.59 -14.50 -17.11
CA THR E 71 5.25 -15.07 -15.81
C THR E 71 5.81 -14.18 -14.71
N ARG E 72 5.40 -14.47 -13.49
CA ARG E 72 5.79 -13.69 -12.33
C ARG E 72 6.17 -14.63 -11.20
N ASP E 73 6.90 -14.09 -10.21
CA ASP E 73 7.18 -14.81 -8.98
C ASP E 73 6.99 -13.82 -7.83
N THR E 74 5.88 -13.97 -7.10
CA THR E 74 5.60 -13.06 -5.99
C THR E 74 6.61 -13.23 -4.86
N SER E 75 7.02 -14.48 -4.60
CA SER E 75 7.93 -14.74 -3.48
C SER E 75 9.27 -14.07 -3.67
N THR E 76 9.82 -14.12 -4.88
CA THR E 76 11.12 -13.54 -5.19
C THR E 76 11.03 -12.17 -5.86
N SER E 77 9.82 -11.65 -6.06
CA SER E 77 9.61 -10.33 -6.65
C SER E 77 10.29 -10.22 -8.02
N THR E 78 10.00 -11.18 -8.88
CA THR E 78 10.61 -11.25 -10.20
C THR E 78 9.55 -11.50 -11.26
N VAL E 79 9.77 -10.93 -12.44
CA VAL E 79 8.89 -11.12 -13.59
C VAL E 79 9.73 -11.71 -14.72
N TYR E 80 9.15 -12.65 -15.46
CA TYR E 80 9.88 -13.43 -16.45
C TYR E 80 9.30 -13.23 -17.84
N MET E 81 10.18 -13.34 -18.85
CA MET E 81 9.80 -13.25 -20.25
C MET E 81 10.40 -14.42 -21.00
N GLU E 82 9.64 -14.98 -21.94
CA GLU E 82 10.10 -16.11 -22.74
C GLU E 82 9.81 -15.86 -24.22
N LEU E 83 10.80 -16.11 -25.08
CA LEU E 83 10.65 -16.03 -26.53
C LEU E 83 10.96 -17.40 -27.13
N SER E 84 10.05 -17.92 -27.94
CA SER E 84 10.04 -19.34 -28.29
C SER E 84 10.64 -19.63 -29.67
N SER E 85 10.10 -19.04 -30.73
CA SER E 85 10.58 -19.38 -32.06
C SER E 85 12.01 -18.92 -32.26
N LEU E 86 12.32 -17.68 -31.87
CA LEU E 86 13.68 -17.18 -31.75
C LEU E 86 14.44 -17.25 -33.07
N ARG E 87 13.97 -16.47 -34.05
CA ARG E 87 14.68 -16.31 -35.30
C ARG E 87 15.81 -15.29 -35.12
N SER E 88 16.61 -15.12 -36.16
CA SER E 88 17.78 -14.25 -36.07
C SER E 88 17.40 -12.80 -35.79
N GLU E 89 16.23 -12.37 -36.27
CA GLU E 89 15.79 -11.00 -36.06
C GLU E 89 15.47 -10.69 -34.60
N ASP E 90 15.40 -11.70 -33.74
CA ASP E 90 15.17 -11.47 -32.31
C ASP E 90 16.49 -11.19 -31.59
N THR E 91 17.25 -10.27 -32.14
CA THR E 91 18.51 -9.80 -31.54
C THR E 91 18.25 -8.39 -31.06
N ALA E 92 18.03 -8.25 -29.75
CA ALA E 92 17.60 -6.98 -29.20
C ALA E 92 17.93 -6.95 -27.71
N VAL E 93 17.92 -5.75 -27.16
CA VAL E 93 18.04 -5.54 -25.73
C VAL E 93 16.64 -5.51 -25.14
N TYR E 94 16.37 -6.39 -24.19
CA TYR E 94 15.05 -6.52 -23.60
C TYR E 94 15.01 -5.80 -22.27
N TYR E 95 13.99 -4.97 -22.07
CA TYR E 95 13.90 -4.08 -20.94
C TYR E 95 12.67 -4.39 -20.11
N CYS E 96 12.79 -4.31 -18.79
CA CYS E 96 11.67 -4.34 -17.89
C CYS E 96 11.50 -2.94 -17.30
N ALA E 97 10.27 -2.42 -17.34
CA ALA E 97 9.97 -1.09 -16.85
C ALA E 97 8.72 -1.13 -15.98
N ARG E 98 8.79 -0.47 -14.82
CA ARG E 98 7.67 -0.45 -13.89
C ARG E 98 6.64 0.58 -14.32
N ASP E 99 5.38 0.17 -14.39
CA ASP E 99 4.28 1.05 -14.75
C ASP E 99 3.67 1.66 -13.49
N VAL E 100 3.21 2.90 -13.62
CA VAL E 100 2.64 3.64 -12.50
C VAL E 100 1.21 4.03 -12.81
N GLY E 101 0.56 4.72 -11.87
CA GLY E 101 -0.80 5.19 -12.05
C GLY E 101 -1.86 4.21 -11.60
N GLY E 102 -2.10 3.16 -12.39
CA GLY E 102 -3.05 2.13 -12.01
C GLY E 102 -2.33 1.03 -11.27
N MET E 103 -2.83 0.70 -10.08
CA MET E 103 -2.02 -0.13 -9.19
C MET E 103 -2.68 -1.43 -8.76
N THR E 104 -3.27 -2.15 -9.72
CA THR E 104 -3.60 -3.56 -9.63
C THR E 104 -4.68 -3.91 -8.60
N TYR E 105 -5.14 -2.94 -7.82
CA TYR E 105 -6.23 -3.20 -6.89
C TYR E 105 -7.54 -2.60 -7.35
N CYS E 106 -7.51 -1.61 -8.23
CA CYS E 106 -8.73 -1.15 -8.87
C CYS E 106 -9.31 -2.23 -9.76
N GLY E 107 -8.46 -2.94 -10.48
CA GLY E 107 -8.91 -3.96 -11.41
C GLY E 107 -9.11 -3.38 -12.79
N ASP E 108 -10.29 -3.62 -13.37
CA ASP E 108 -10.59 -3.06 -14.68
C ASP E 108 -10.93 -1.59 -14.61
N GLU E 109 -11.22 -1.05 -13.42
CA GLU E 109 -11.57 0.36 -13.31
C GLU E 109 -10.40 1.28 -13.63
N CYS E 110 -9.17 0.78 -13.58
CA CYS E 110 -8.03 1.55 -14.04
C CYS E 110 -7.09 0.66 -14.84
N PHE E 111 -7.65 -0.16 -15.73
CA PHE E 111 -6.78 -0.95 -16.60
C PHE E 111 -6.93 -0.58 -18.07
N PRO E 112 -6.94 0.69 -18.43
CA PRO E 112 -6.11 1.12 -19.54
C PRO E 112 -4.79 1.64 -19.02
N PRO E 113 -4.08 0.84 -18.20
CA PRO E 113 -3.27 1.40 -17.10
C PRO E 113 -2.40 2.57 -17.51
N ARG E 114 -2.70 3.75 -16.97
CA ARG E 114 -2.07 4.98 -17.43
C ARG E 114 -0.97 5.39 -16.46
N GLY E 115 0.22 5.61 -17.00
CA GLY E 115 1.37 5.96 -16.21
C GLY E 115 2.63 5.81 -17.02
N TRP E 116 3.55 6.76 -16.88
CA TRP E 116 4.82 6.71 -17.59
C TRP E 116 5.67 5.57 -17.04
N PHE E 117 6.84 5.36 -17.65
CA PHE E 117 7.70 4.25 -17.28
C PHE E 117 8.66 4.70 -16.18
N ASP E 118 8.33 4.34 -14.94
CA ASP E 118 9.27 4.47 -13.84
C ASP E 118 10.28 3.34 -13.98
N PRO E 119 11.34 3.30 -13.13
CA PRO E 119 12.67 2.90 -13.62
C PRO E 119 12.68 1.78 -14.66
N TRP E 120 13.33 2.03 -15.79
CA TRP E 120 13.61 0.97 -16.73
C TRP E 120 14.64 0.02 -16.13
N GLY E 121 14.64 -1.21 -16.62
CA GLY E 121 15.68 -2.14 -16.25
C GLY E 121 17.00 -1.79 -16.91
N GLN E 122 18.06 -2.46 -16.43
CA GLN E 122 19.39 -2.19 -16.98
C GLN E 122 19.50 -2.66 -18.43
N GLY E 123 18.70 -3.62 -18.83
CA GLY E 123 18.75 -4.16 -20.17
C GLY E 123 19.44 -5.51 -20.22
N THR E 124 19.00 -6.36 -21.14
CA THR E 124 19.58 -7.67 -21.36
C THR E 124 19.65 -7.92 -22.85
N LEU E 125 20.84 -8.21 -23.34
CA LEU E 125 21.05 -8.42 -24.78
C LEU E 125 21.02 -9.90 -25.10
N VAL E 126 20.21 -10.26 -26.10
CA VAL E 126 20.10 -11.63 -26.57
C VAL E 126 20.44 -11.65 -28.05
N THR E 127 21.33 -12.56 -28.45
CA THR E 127 21.78 -12.67 -29.82
C THR E 127 21.40 -14.03 -30.38
N VAL E 128 20.77 -14.03 -31.54
CA VAL E 128 20.35 -15.27 -32.19
C VAL E 128 21.20 -15.50 -33.44
N MET F 1 2.96 6.70 -34.20
CA MET F 1 3.26 8.05 -33.72
C MET F 1 4.48 8.57 -34.44
N PRO F 2 4.33 9.07 -35.67
CA PRO F 2 5.48 9.60 -36.40
C PRO F 2 6.10 10.79 -35.68
N GLN F 3 7.42 10.87 -35.74
CA GLN F 3 8.19 12.00 -35.23
C GLN F 3 8.69 12.76 -36.45
N VAL F 4 8.18 13.99 -36.63
CA VAL F 4 8.49 14.75 -37.85
C VAL F 4 9.98 14.98 -38.02
N PRO F 5 10.73 15.46 -37.00
CA PRO F 5 12.18 15.56 -37.17
C PRO F 5 12.87 14.24 -36.84
N VAL F 6 13.63 13.69 -37.78
CA VAL F 6 14.29 12.41 -37.59
C VAL F 6 15.73 12.63 -37.15
N SER F 7 16.33 13.73 -37.60
CA SER F 7 17.71 14.05 -37.24
C SER F 7 17.92 15.54 -37.44
N LEU F 8 18.21 16.25 -36.35
CA LEU F 8 18.40 17.69 -36.40
C LEU F 8 19.72 18.03 -35.72
N SER F 9 20.55 18.82 -36.40
CA SER F 9 21.81 19.30 -35.87
C SER F 9 21.75 20.81 -35.77
N ALA F 10 22.04 21.34 -34.58
CA ALA F 10 21.99 22.76 -34.34
C ALA F 10 23.19 23.18 -33.51
N SER F 11 23.54 24.46 -33.61
CA SER F 11 24.70 24.98 -32.91
C SER F 11 24.50 24.90 -31.40
N VAL F 12 25.62 24.81 -30.67
CA VAL F 12 25.56 24.71 -29.22
C VAL F 12 24.98 25.99 -28.65
N GLY F 13 23.95 25.85 -27.82
CA GLY F 13 23.25 26.98 -27.27
C GLY F 13 21.99 27.39 -28.01
N ASP F 14 21.63 26.68 -29.07
CA ASP F 14 20.40 26.98 -29.81
C ASP F 14 19.20 26.34 -29.12
N ARG F 15 18.02 26.59 -29.66
CA ARG F 15 16.78 26.02 -29.16
C ARG F 15 16.34 24.89 -30.07
N VAL F 16 15.95 23.77 -29.47
CA VAL F 16 15.55 22.57 -30.19
C VAL F 16 14.08 22.31 -29.91
N THR F 17 13.32 22.03 -30.97
CA THR F 17 11.91 21.69 -30.85
C THR F 17 11.67 20.40 -31.60
N ILE F 18 11.07 19.42 -30.92
CA ILE F 18 10.84 18.10 -31.48
C ILE F 18 9.35 17.80 -31.31
N THR F 19 8.70 17.40 -32.39
CA THR F 19 7.26 17.22 -32.40
C THR F 19 6.88 15.76 -32.60
N CYS F 20 5.80 15.36 -31.95
CA CYS F 20 5.21 14.03 -32.09
C CYS F 20 3.75 14.16 -32.49
N GLN F 21 3.32 13.31 -33.41
CA GLN F 21 1.93 13.28 -33.86
C GLN F 21 1.33 11.91 -33.59
N ALA F 22 0.09 11.92 -33.14
CA ALA F 22 -0.64 10.70 -32.83
C ALA F 22 -1.75 10.46 -33.84
N SER F 23 -2.27 9.24 -33.84
CA SER F 23 -3.39 8.90 -34.71
C SER F 23 -4.74 9.02 -34.01
N GLN F 24 -4.76 9.24 -32.70
CA GLN F 24 -5.99 9.48 -31.97
C GLN F 24 -5.68 10.33 -30.75
N ASP F 25 -6.73 10.79 -30.08
CA ASP F 25 -6.56 11.64 -28.92
C ASP F 25 -6.02 10.85 -27.74
N ILE F 26 -4.97 11.38 -27.13
CA ILE F 26 -4.36 10.78 -25.94
C ILE F 26 -4.52 11.66 -24.72
N GLY F 27 -4.41 12.99 -24.88
CA GLY F 27 -4.51 13.91 -23.76
C GLY F 27 -3.15 14.32 -23.26
N ASN F 28 -2.81 13.91 -22.05
CA ASN F 28 -1.49 14.13 -21.47
C ASN F 28 -0.80 12.82 -21.12
N TYR F 29 -1.27 11.71 -21.68
CA TYR F 29 -0.66 10.40 -21.45
C TYR F 29 0.49 10.15 -22.42
N LEU F 30 1.41 11.09 -22.49
CA LEU F 30 2.61 10.98 -23.32
C LEU F 30 3.80 11.46 -22.52
N THR F 31 4.95 10.84 -22.78
CA THR F 31 6.18 11.18 -22.08
C THR F 31 7.33 11.30 -23.07
N TRP F 32 8.34 12.05 -22.67
CA TRP F 32 9.56 12.24 -23.47
C TRP F 32 10.74 11.61 -22.72
N SER F 33 11.51 10.80 -23.43
CA SER F 33 12.65 10.10 -22.85
C SER F 33 13.88 10.34 -23.70
N GLN F 34 15.05 10.26 -23.05
CA GLN F 34 16.33 10.47 -23.72
C GLN F 34 17.16 9.20 -23.58
N GLN F 35 17.75 8.75 -24.68
CA GLN F 35 18.53 7.51 -24.70
C GLN F 35 19.91 7.79 -25.26
N LYS F 36 20.93 7.44 -24.48
CA LYS F 36 22.31 7.45 -24.94
C LYS F 36 22.62 6.14 -25.66
N PRO F 37 23.70 6.10 -26.46
CA PRO F 37 24.02 4.88 -27.23
C PRO F 37 23.95 3.60 -26.42
N GLY F 38 24.77 3.46 -25.38
CA GLY F 38 24.61 2.32 -24.50
C GLY F 38 24.08 2.71 -23.14
N LYS F 39 22.78 2.51 -22.91
CA LYS F 39 22.09 2.87 -21.68
C LYS F 39 20.62 2.47 -21.85
N ALA F 40 19.89 2.52 -20.75
CA ALA F 40 18.45 2.49 -20.81
C ALA F 40 17.91 3.92 -20.98
N PRO F 41 16.78 4.09 -21.66
CA PRO F 41 16.27 5.45 -21.88
C PRO F 41 15.92 6.13 -20.57
N LYS F 42 16.33 7.40 -20.46
CA LYS F 42 16.09 8.17 -19.24
C LYS F 42 14.91 9.10 -19.46
N LEU F 43 14.09 9.24 -18.43
CA LEU F 43 12.83 9.95 -18.53
C LEU F 43 13.05 11.44 -18.31
N LEU F 44 12.50 12.26 -19.21
CA LEU F 44 12.63 13.71 -19.12
C LEU F 44 11.43 14.33 -18.39
N ILE F 45 10.22 14.04 -18.86
CA ILE F 45 9.01 14.61 -18.28
C ILE F 45 7.96 13.51 -18.11
N TYR F 46 7.15 13.63 -17.05
CA TYR F 46 6.12 12.65 -16.77
C TYR F 46 5.07 12.62 -17.87
N ASP F 47 4.37 13.73 -18.00
CA ASP F 47 3.22 13.88 -18.89
C ASP F 47 3.56 14.91 -19.95
N ALA F 48 2.54 15.35 -20.69
CA ALA F 48 2.70 16.36 -21.73
C ALA F 48 3.68 17.46 -21.33
N SER F 49 3.60 17.93 -20.08
CA SER F 49 4.59 18.88 -19.57
C SER F 49 4.68 18.68 -18.05
N ASN F 50 5.66 17.88 -17.61
CA ASN F 50 5.86 17.69 -16.18
C ASN F 50 7.30 17.22 -15.97
N LEU F 51 8.18 18.14 -15.60
CA LEU F 51 9.60 17.85 -15.54
C LEU F 51 9.93 16.85 -14.43
N GLN F 52 10.79 15.88 -14.76
CA GLN F 52 11.34 14.97 -13.78
C GLN F 52 12.25 15.70 -12.80
N THR F 53 12.33 15.16 -11.59
CA THR F 53 13.23 15.69 -10.58
C THR F 53 14.66 15.29 -10.89
N GLY F 54 15.55 16.29 -11.02
CA GLY F 54 16.94 16.08 -11.37
C GLY F 54 17.28 16.51 -12.78
N VAL F 55 16.34 16.39 -13.71
CA VAL F 55 16.54 16.87 -15.07
C VAL F 55 16.64 18.39 -15.07
N PRO F 56 17.65 18.98 -15.67
CA PRO F 56 17.77 20.45 -15.64
C PRO F 56 16.67 21.12 -16.43
N SER F 57 16.42 22.39 -16.09
CA SER F 57 15.25 23.11 -16.58
C SER F 57 15.32 23.47 -18.06
N ARG F 58 16.35 23.03 -18.79
CA ARG F 58 16.34 23.23 -20.23
C ARG F 58 15.20 22.48 -20.89
N PHE F 59 14.96 21.24 -20.45
CA PHE F 59 13.92 20.41 -21.03
C PHE F 59 12.55 20.80 -20.48
N SER F 60 11.60 21.00 -21.38
CA SER F 60 10.23 21.31 -20.99
C SER F 60 9.28 20.82 -22.08
N GLY F 61 8.16 20.24 -21.66
CA GLY F 61 7.20 19.68 -22.58
C GLY F 61 6.05 20.62 -22.87
N SER F 62 5.24 20.23 -23.84
CA SER F 62 4.08 21.02 -24.26
C SER F 62 3.19 20.13 -25.12
N GLY F 63 2.06 20.67 -25.52
CA GLY F 63 1.12 19.96 -26.37
C GLY F 63 0.07 19.20 -25.57
N SER F 64 -1.03 18.88 -26.25
CA SER F 64 -2.12 18.14 -25.62
C SER F 64 -2.99 17.53 -26.70
N GLY F 65 -3.58 16.39 -26.37
CA GLY F 65 -4.53 15.73 -27.24
C GLY F 65 -3.91 14.88 -28.32
N THR F 66 -3.41 15.50 -29.37
CA THR F 66 -2.78 14.78 -30.46
C THR F 66 -1.41 15.32 -30.83
N TYR F 67 -1.22 16.64 -30.78
CA TYR F 67 0.03 17.27 -31.15
C TYR F 67 0.85 17.56 -29.89
N PHE F 68 2.03 16.96 -29.80
CA PHE F 68 2.91 17.13 -28.66
C PHE F 68 4.26 17.63 -29.16
N THR F 69 4.94 18.40 -28.31
CA THR F 69 6.23 18.96 -28.68
C THR F 69 7.17 18.92 -27.48
N LEU F 70 8.46 18.90 -27.77
CA LEU F 70 9.52 18.92 -26.76
C LEU F 70 10.46 20.06 -27.12
N THR F 71 10.69 20.97 -26.18
CA THR F 71 11.57 22.11 -26.42
C THR F 71 12.73 22.11 -25.44
N ILE F 72 13.87 22.57 -25.91
CA ILE F 72 15.09 22.66 -25.12
C ILE F 72 15.66 24.06 -25.31
N SER F 73 15.90 24.77 -24.21
CA SER F 73 16.32 26.16 -24.31
C SER F 73 17.75 26.30 -24.80
N SER F 74 18.66 25.50 -24.25
CA SER F 74 20.07 25.55 -24.64
C SER F 74 20.54 24.17 -25.04
N LEU F 75 21.56 24.11 -25.89
CA LEU F 75 21.93 22.87 -26.56
C LEU F 75 23.29 22.38 -26.07
N GLN F 76 23.45 22.33 -24.75
CA GLN F 76 24.66 21.86 -24.10
C GLN F 76 25.12 20.53 -24.69
N PRO F 77 26.43 20.25 -24.67
CA PRO F 77 26.93 19.05 -25.36
C PRO F 77 26.38 17.74 -24.81
N GLU F 78 25.85 17.73 -23.58
CA GLU F 78 25.24 16.53 -23.04
C GLU F 78 23.96 16.12 -23.75
N ASP F 79 23.54 16.88 -24.78
CA ASP F 79 22.28 16.65 -25.46
C ASP F 79 22.42 15.76 -26.69
N ILE F 80 23.61 15.23 -26.95
CA ILE F 80 23.80 14.33 -28.09
C ILE F 80 23.23 12.98 -27.68
N ALA F 81 22.01 12.69 -28.14
CA ALA F 81 21.32 11.45 -27.81
C ALA F 81 20.15 11.27 -28.77
N THR F 82 19.29 10.31 -28.46
CA THR F 82 18.02 10.13 -29.14
C THR F 82 16.89 10.36 -28.16
N TYR F 83 15.81 10.97 -28.65
CA TYR F 83 14.64 11.28 -27.85
C TYR F 83 13.44 10.55 -28.43
N TYR F 84 12.55 10.08 -27.55
CA TYR F 84 11.41 9.30 -27.97
C TYR F 84 10.14 9.82 -27.32
N CYS F 85 9.04 9.76 -28.06
CA CYS F 85 7.70 10.00 -27.53
C CYS F 85 6.94 8.68 -27.53
N GLN F 86 6.35 8.34 -26.39
CA GLN F 86 5.60 7.11 -26.24
C GLN F 86 4.30 7.40 -25.51
N GLN F 87 3.20 6.92 -26.05
CA GLN F 87 1.90 7.11 -25.42
C GLN F 87 1.64 5.99 -24.42
N TYR F 88 0.94 6.32 -23.35
CA TYR F 88 0.43 5.35 -22.39
C TYR F 88 -1.06 5.56 -22.18
N ASP F 89 -1.80 5.70 -23.28
CA ASP F 89 -3.25 5.85 -23.22
C ASP F 89 -3.96 4.52 -23.39
N ASN F 90 -3.71 3.83 -24.50
CA ASN F 90 -4.36 2.57 -24.81
C ASN F 90 -3.44 1.39 -24.49
N VAL F 91 -4.01 0.19 -24.55
CA VAL F 91 -3.32 -1.01 -24.06
C VAL F 91 -2.04 -1.30 -24.83
N PRO F 92 -2.02 -1.27 -26.18
CA PRO F 92 -0.72 -1.40 -26.87
C PRO F 92 0.12 -0.13 -26.78
N ILE F 93 1.17 -0.15 -25.95
CA ILE F 93 2.09 0.97 -25.87
C ILE F 93 2.89 1.05 -27.16
N THR F 94 2.98 2.24 -27.74
CA THR F 94 3.76 2.47 -28.95
C THR F 94 4.71 3.63 -28.74
N PHE F 95 5.81 3.61 -29.47
CA PHE F 95 6.86 4.62 -29.38
C PHE F 95 6.90 5.44 -30.66
N GLY F 96 7.70 6.50 -30.62
CA GLY F 96 7.72 7.47 -31.71
C GLY F 96 8.50 7.05 -32.94
N GLY F 97 9.79 6.79 -32.78
CA GLY F 97 10.65 6.53 -33.92
C GLY F 97 12.04 7.12 -33.70
N GLY F 98 12.12 8.15 -32.87
CA GLY F 98 13.40 8.66 -32.44
C GLY F 98 13.96 9.80 -33.27
N THR F 99 14.66 10.72 -32.62
CA THR F 99 15.38 11.79 -33.29
C THR F 99 16.83 11.77 -32.83
N GLU F 100 17.75 11.82 -33.78
CA GLU F 100 19.17 11.93 -33.47
C GLU F 100 19.55 13.40 -33.48
N VAL F 101 20.04 13.90 -32.35
CA VAL F 101 20.41 15.30 -32.21
C VAL F 101 21.93 15.41 -32.23
N GLU F 102 22.44 16.24 -33.13
CA GLU F 102 23.86 16.50 -33.26
C GLU F 102 24.15 17.96 -32.99
N ILE F 103 25.42 18.28 -32.81
CA ILE F 103 25.84 19.66 -32.64
C ILE F 103 26.66 20.11 -33.85
#